data_8XYZ
#
_entry.id   8XYZ
#
_cell.length_a   1.00
_cell.length_b   1.00
_cell.length_c   1.00
_cell.angle_alpha   90.00
_cell.angle_beta   90.00
_cell.angle_gamma   90.00
#
_symmetry.space_group_name_H-M   'P 1'
#
loop_
_entity.id
_entity.type
_entity.pdbx_description
1 polymer 'Signal peptide, Spike protein S1'
2 polymer 'Angiotensin-converting enzyme'
3 non-polymer 'ZINC ION'
#
loop_
_entity_poly.entity_id
_entity_poly.type
_entity_poly.pdbx_seq_one_letter_code
_entity_poly.pdbx_strand_id
1 'polypeptide(L)'
;MSCVLLFPTAPGQRAGYCAVSSFWQRIRHHVCVSCASSSCVITMQSATTESIVRFPNITNLCPFGEVFNATRFASVYAWN
RKRISNCVADYSVLYNSASFSTFKCYGVSPTKLNDLCFTNVYADSFVIRGDEVRQIAPGQTGKIADYNYKLPDDFTGCVI
AWNSNNLDSKVGGNYNYLYRLFRKSNLKPFERDISTEIYQAGSTPCNGVEGFNCYFPLQSYGFQPTNGVGYQPYRVVVLS
FELLHAPATVCGPKKSTNLVKNKCVNFHHHHHH
;
B
2 'polypeptide(L)'
;MSGSSWLLLSLAALTAAQSTEDLVNTFLEKFNYEAEELSYQSSLASWDYNTNISDENVQKMNNAGAKWSAFYEEQSKLAK
TYPLEEIQDSTVKRQLRALQHSGSSVLSADKNQRLNTILNSMSTIYSTGKACNPSNPQECLLLEPGLDDIMENSKDYNER
LWAWEGWRSEVGKQLRPLYEEYVALKNEMARANNYEDYGDYWRGDYEEEWENGYNYSRNQLIDDVEHTFTQIMPLYQHLH
AYVRTKLMDTYPSYISPTGCLPAHLLGDMWGRFWTNLYPLTVPFGQKPNIDVTNAMVNQSWDARKIFKEAEKFFVSVGLP
NMTQGFWENSMLTEPSDSRKVVCHPTAWDLGKGDFRIKMCTKVTMDDFLTAHHEMGHIQYDMAYAAQPFLLRNGANEGFH
EAVGEIMSLSAATPNHLKNIGLLPPSFFEDSETEINFLLKQALTIVGTLPFTYMLEKWRWMVFKGEIPKDQWMKTWWEMK
RNIVGVVEPVPHDETYCDPASLFHVANDYSFIRYYTRTIYQFQFQEALCQIAKHEGPLHKCDISNSSEAGQKLLEMLKLG
KSKPWTYALEIVVGAKNMDVRPLLNYFEPLFTWLKEQNRNSFVGWNTDWSPYA
;
A
#
loop_
_chem_comp.id
_chem_comp.type
_chem_comp.name
_chem_comp.formula
ZN non-polymer 'ZINC ION' 'Zn 2'
#
# COMPACT_ATOMS: atom_id res chain seq x y z
N THR A 59 -41.80 -29.56 -37.83
CA THR A 59 -40.43 -30.05 -37.83
C THR A 59 -39.47 -29.00 -37.26
N ASN A 60 -39.98 -27.80 -37.04
CA ASN A 60 -39.17 -26.73 -36.48
C ASN A 60 -38.81 -27.03 -35.03
N LEU A 61 -37.57 -26.71 -34.67
CA LEU A 61 -37.05 -26.93 -33.32
C LEU A 61 -36.65 -25.60 -32.71
N CYS A 62 -36.72 -25.52 -31.39
CA CYS A 62 -36.35 -24.30 -30.70
C CYS A 62 -34.87 -24.01 -30.92
N PRO A 63 -34.50 -22.77 -31.26
CA PRO A 63 -33.09 -22.43 -31.51
C PRO A 63 -32.28 -22.26 -30.23
N PHE A 64 -32.34 -23.27 -29.36
CA PHE A 64 -31.61 -23.22 -28.11
C PHE A 64 -30.11 -23.19 -28.34
N GLY A 65 -29.62 -24.04 -29.25
CA GLY A 65 -28.18 -24.09 -29.50
C GLY A 65 -27.68 -22.92 -30.32
N GLU A 66 -28.55 -22.35 -31.16
CA GLU A 66 -28.14 -21.27 -32.04
C GLU A 66 -27.70 -20.04 -31.24
N VAL A 67 -28.43 -19.71 -30.17
CA VAL A 67 -28.06 -18.57 -29.35
C VAL A 67 -26.77 -18.84 -28.59
N PHE A 68 -26.61 -20.07 -28.09
CA PHE A 68 -25.48 -20.38 -27.23
C PHE A 68 -24.15 -20.26 -27.96
N ASN A 69 -24.09 -20.73 -29.20
CA ASN A 69 -22.85 -20.72 -29.97
C ASN A 69 -22.61 -19.39 -30.67
N ALA A 70 -23.35 -18.34 -30.30
CA ALA A 70 -23.13 -17.04 -30.91
C ALA A 70 -21.74 -16.52 -30.57
N THR A 71 -21.05 -15.98 -31.56
CA THR A 71 -19.72 -15.44 -31.33
C THR A 71 -19.78 -14.13 -30.56
N ARG A 72 -20.89 -13.41 -30.67
CA ARG A 72 -21.05 -12.10 -30.05
C ARG A 72 -22.44 -11.99 -29.44
N PHE A 73 -22.53 -11.34 -28.28
CA PHE A 73 -23.78 -11.02 -27.63
C PHE A 73 -23.93 -9.50 -27.58
N ALA A 74 -25.17 -9.03 -27.66
CA ALA A 74 -25.40 -7.59 -27.69
C ALA A 74 -25.24 -6.99 -26.30
N SER A 75 -25.14 -5.65 -26.27
CA SER A 75 -25.00 -4.94 -25.02
C SER A 75 -26.30 -4.99 -24.23
N VAL A 76 -26.20 -4.63 -22.94
CA VAL A 76 -27.37 -4.66 -22.07
C VAL A 76 -28.43 -3.68 -22.54
N TYR A 77 -28.01 -2.47 -22.91
CA TYR A 77 -29.00 -1.46 -23.28
C TYR A 77 -29.76 -1.87 -24.53
N ALA A 78 -29.06 -2.44 -25.51
CA ALA A 78 -29.71 -2.96 -26.71
C ALA A 78 -29.86 -4.48 -26.59
N TRP A 79 -30.65 -4.91 -25.62
CA TRP A 79 -30.84 -6.33 -25.39
C TRP A 79 -31.74 -6.95 -26.45
N ASN A 80 -31.50 -8.22 -26.77
CA ASN A 80 -32.19 -8.93 -27.84
C ASN A 80 -33.31 -9.75 -27.22
N ARG A 81 -34.48 -9.70 -27.85
CA ARG A 81 -35.63 -10.49 -27.44
C ARG A 81 -35.89 -11.50 -28.52
N LYS A 82 -36.00 -12.77 -28.13
CA LYS A 82 -36.23 -13.86 -29.06
C LYS A 82 -37.48 -14.52 -28.49
N ARG A 83 -38.45 -14.80 -29.36
CA ARG A 83 -39.70 -15.41 -28.95
C ARG A 83 -39.77 -16.90 -29.25
N ILE A 84 -40.17 -17.70 -28.26
CA ILE A 84 -40.29 -19.15 -28.42
C ILE A 84 -41.64 -19.68 -28.85
N SER A 85 -41.73 -20.23 -30.05
CA SER A 85 -43.01 -20.63 -30.63
C SER A 85 -42.97 -21.89 -31.47
N ASN A 86 -44.07 -22.64 -31.40
CA ASN A 86 -44.30 -23.81 -32.26
C ASN A 86 -43.22 -24.88 -32.09
N CYS A 87 -42.61 -24.90 -30.91
CA CYS A 87 -41.63 -25.93 -30.58
C CYS A 87 -41.65 -26.16 -29.07
N VAL A 88 -41.18 -27.34 -28.67
CA VAL A 88 -41.18 -27.76 -27.29
C VAL A 88 -39.73 -28.02 -26.87
N ALA A 89 -39.32 -27.42 -25.76
CA ALA A 89 -37.98 -27.58 -25.23
C ALA A 89 -38.05 -28.17 -23.83
N ASP A 90 -37.18 -29.14 -23.56
CA ASP A 90 -37.13 -29.81 -22.26
C ASP A 90 -36.32 -28.96 -21.31
N TYR A 91 -37.00 -28.33 -20.34
CA TYR A 91 -36.30 -27.50 -19.37
C TYR A 91 -35.68 -28.34 -18.25
N SER A 92 -36.10 -29.61 -18.14
CA SER A 92 -35.62 -30.45 -17.05
C SER A 92 -34.13 -30.74 -17.18
N VAL A 93 -33.66 -31.01 -18.40
CA VAL A 93 -32.26 -31.40 -18.60
C VAL A 93 -31.40 -30.19 -18.24
N LEU A 94 -31.84 -29.00 -18.65
CA LEU A 94 -31.11 -27.79 -18.27
C LEU A 94 -31.11 -27.68 -16.74
N TYR A 95 -32.30 -27.83 -16.14
CA TYR A 95 -32.39 -27.78 -14.69
C TYR A 95 -31.55 -28.82 -13.93
N ASN A 96 -31.61 -30.07 -14.38
CA ASN A 96 -30.85 -31.12 -13.72
C ASN A 96 -29.33 -31.03 -13.83
N SER A 97 -28.83 -30.37 -14.89
CA SER A 97 -27.39 -30.28 -15.08
C SER A 97 -26.71 -29.55 -13.93
N ALA A 98 -27.26 -28.40 -13.52
CA ALA A 98 -26.73 -27.61 -12.41
C ALA A 98 -25.27 -27.23 -12.64
N SER A 99 -24.88 -27.02 -13.90
CA SER A 99 -23.51 -26.60 -14.20
C SER A 99 -23.42 -25.18 -13.66
N PHE A 100 -24.51 -24.42 -13.75
CA PHE A 100 -24.50 -23.07 -13.20
C PHE A 100 -24.46 -22.91 -11.70
N SER A 101 -23.65 -21.98 -11.20
CA SER A 101 -23.54 -21.79 -9.75
C SER A 101 -24.78 -20.98 -9.38
N THR A 102 -25.14 -19.99 -10.20
CA THR A 102 -26.21 -19.06 -9.88
C THR A 102 -27.45 -19.35 -10.70
N PHE A 103 -28.48 -19.88 -10.03
CA PHE A 103 -29.77 -20.24 -10.61
C PHE A 103 -30.90 -19.82 -9.69
N LYS A 104 -30.57 -19.06 -8.64
CA LYS A 104 -31.54 -18.79 -7.59
C LYS A 104 -32.66 -17.91 -8.10
N CYS A 105 -33.85 -18.50 -8.20
CA CYS A 105 -35.06 -17.81 -8.60
C CYS A 105 -36.18 -18.29 -7.69
N TYR A 106 -37.17 -17.43 -7.45
CA TYR A 106 -38.30 -17.76 -6.59
C TYR A 106 -39.59 -17.41 -7.31
N GLY A 107 -40.71 -17.50 -6.58
CA GLY A 107 -42.01 -17.25 -7.17
C GLY A 107 -42.69 -18.51 -7.64
N VAL A 108 -42.09 -19.20 -8.60
CA VAL A 108 -42.63 -20.43 -9.17
C VAL A 108 -41.92 -21.62 -8.55
N SER A 109 -42.69 -22.54 -7.98
CA SER A 109 -42.11 -23.73 -7.38
C SER A 109 -41.75 -24.74 -8.47
N PRO A 110 -40.51 -25.23 -8.50
CA PRO A 110 -40.15 -26.24 -9.51
C PRO A 110 -40.92 -27.54 -9.35
N THR A 111 -41.50 -27.80 -8.19
CA THR A 111 -42.15 -29.06 -7.90
C THR A 111 -43.65 -29.05 -8.20
N LYS A 112 -44.08 -29.98 -9.07
CA LYS A 112 -45.49 -30.17 -9.40
C LYS A 112 -46.27 -28.85 -9.78
N LEU A 113 -45.55 -28.04 -10.54
CA LEU A 113 -46.07 -26.76 -11.02
C LEU A 113 -45.80 -26.82 -12.51
N ASN A 114 -45.16 -27.88 -13.01
CA ASN A 114 -44.92 -27.99 -14.44
C ASN A 114 -46.06 -28.19 -15.41
N ASP A 115 -47.20 -28.67 -14.92
CA ASP A 115 -48.38 -28.91 -15.76
C ASP A 115 -49.27 -27.69 -15.99
N LEU A 116 -49.22 -26.70 -15.09
CA LEU A 116 -50.01 -25.47 -15.21
C LEU A 116 -49.40 -24.87 -16.46
N CYS A 117 -50.25 -24.51 -17.43
CA CYS A 117 -49.77 -24.05 -18.72
C CYS A 117 -49.50 -22.55 -18.77
N PHE A 118 -48.61 -22.15 -19.68
CA PHE A 118 -48.29 -20.75 -19.91
C PHE A 118 -48.63 -20.38 -21.35
N THR A 119 -49.08 -19.14 -21.54
CA THR A 119 -49.51 -18.70 -22.86
C THR A 119 -48.34 -18.70 -23.85
N ASN A 120 -47.21 -18.10 -23.45
CA ASN A 120 -46.05 -18.04 -24.32
C ASN A 120 -44.80 -17.82 -23.48
N VAL A 121 -43.65 -18.12 -24.10
CA VAL A 121 -42.35 -18.06 -23.42
C VAL A 121 -41.49 -17.05 -24.17
N TYR A 122 -40.84 -16.16 -23.41
CA TYR A 122 -39.96 -15.14 -23.96
C TYR A 122 -38.57 -15.25 -23.33
N ALA A 123 -37.55 -14.97 -24.12
CA ALA A 123 -36.16 -15.05 -23.70
C ALA A 123 -35.43 -13.76 -24.06
N ASP A 124 -34.72 -13.19 -23.10
CA ASP A 124 -33.92 -11.99 -23.28
C ASP A 124 -32.48 -12.26 -22.87
N SER A 125 -31.52 -11.80 -23.66
CA SER A 125 -30.11 -12.08 -23.46
C SER A 125 -29.31 -10.79 -23.38
N PHE A 126 -28.47 -10.67 -22.35
CA PHE A 126 -27.55 -9.56 -22.20
C PHE A 126 -26.41 -9.99 -21.30
N VAL A 127 -25.35 -9.19 -21.30
CA VAL A 127 -24.10 -9.51 -20.60
C VAL A 127 -23.70 -8.33 -19.73
N ILE A 128 -23.19 -8.62 -18.54
CA ILE A 128 -22.80 -7.62 -17.55
C ILE A 128 -21.66 -8.16 -16.72
N ARG A 129 -21.23 -7.36 -15.75
CA ARG A 129 -20.21 -7.78 -14.81
C ARG A 129 -20.76 -8.71 -13.72
N GLY A 130 -19.85 -9.45 -13.10
CA GLY A 130 -20.25 -10.45 -12.12
C GLY A 130 -20.90 -9.84 -10.88
N ASP A 131 -20.37 -8.71 -10.42
CA ASP A 131 -20.91 -8.09 -9.21
C ASP A 131 -22.34 -7.61 -9.43
N GLU A 132 -22.70 -7.33 -10.68
CA GLU A 132 -24.05 -6.85 -10.98
C GLU A 132 -25.05 -7.97 -11.26
N VAL A 133 -24.65 -9.23 -11.15
CA VAL A 133 -25.58 -10.31 -11.40
C VAL A 133 -26.73 -10.38 -10.40
N ARG A 134 -26.51 -9.89 -9.18
CA ARG A 134 -27.59 -9.80 -8.21
C ARG A 134 -28.53 -8.64 -8.51
N GLN A 135 -28.04 -7.68 -9.30
CA GLN A 135 -28.81 -6.47 -9.55
C GLN A 135 -29.99 -6.85 -10.43
N ILE A 136 -29.91 -8.00 -11.09
CA ILE A 136 -31.03 -8.49 -11.89
C ILE A 136 -31.94 -9.31 -10.98
N ALA A 137 -32.83 -8.61 -10.27
CA ALA A 137 -33.77 -9.22 -9.34
C ALA A 137 -34.83 -8.19 -9.03
N PRO A 138 -36.07 -8.62 -8.73
CA PRO A 138 -37.15 -7.64 -8.57
C PRO A 138 -36.96 -6.76 -7.34
N GLY A 139 -37.37 -5.51 -7.47
CA GLY A 139 -37.34 -4.59 -6.34
C GLY A 139 -35.96 -4.26 -5.81
N GLN A 140 -35.01 -4.02 -6.73
CA GLN A 140 -33.62 -3.76 -6.35
C GLN A 140 -33.15 -2.49 -7.04
N THR A 141 -32.15 -1.82 -6.48
CA THR A 141 -31.71 -0.54 -7.04
C THR A 141 -30.24 -0.42 -7.35
N GLY A 142 -29.90 0.12 -8.52
CA GLY A 142 -28.51 0.30 -8.90
C GLY A 142 -28.47 0.77 -10.34
N LYS A 143 -27.29 0.97 -10.91
CA LYS A 143 -27.22 1.53 -12.25
C LYS A 143 -27.82 0.68 -13.35
N ILE A 144 -27.53 -0.61 -13.35
CA ILE A 144 -28.04 -1.49 -14.38
C ILE A 144 -29.52 -1.66 -14.20
N ALA A 145 -29.96 -1.87 -12.98
CA ALA A 145 -31.38 -2.14 -12.78
C ALA A 145 -32.22 -0.93 -13.11
N ASP A 146 -31.82 0.25 -12.65
CA ASP A 146 -32.67 1.42 -12.80
C ASP A 146 -32.67 1.96 -14.22
N TYR A 147 -31.50 2.03 -14.85
CA TYR A 147 -31.37 2.70 -16.15
C TYR A 147 -31.19 1.74 -17.33
N ASN A 148 -31.03 0.45 -17.10
CA ASN A 148 -30.76 -0.48 -18.20
C ASN A 148 -31.76 -1.61 -18.29
N TYR A 149 -32.12 -2.26 -17.18
CA TYR A 149 -33.05 -3.38 -17.22
C TYR A 149 -33.79 -3.49 -15.90
N LYS A 150 -35.12 -3.39 -15.94
CA LYS A 150 -35.95 -3.36 -14.75
C LYS A 150 -36.92 -4.52 -14.76
N LEU A 151 -37.14 -5.13 -13.59
CA LEU A 151 -38.07 -6.24 -13.47
C LEU A 151 -39.25 -5.85 -12.60
N PRO A 152 -40.48 -6.20 -13.00
CA PRO A 152 -41.65 -5.88 -12.19
C PRO A 152 -41.59 -6.58 -10.84
N ASP A 153 -42.27 -5.99 -9.86
CA ASP A 153 -42.30 -6.56 -8.52
C ASP A 153 -42.93 -7.95 -8.48
N ASP A 154 -43.99 -8.16 -9.26
CA ASP A 154 -44.73 -9.41 -9.28
C ASP A 154 -44.31 -10.31 -10.43
N PHE A 155 -43.03 -10.28 -10.79
CA PHE A 155 -42.54 -11.10 -11.90
C PHE A 155 -42.53 -12.56 -11.46
N THR A 156 -42.95 -13.45 -12.36
CA THR A 156 -42.97 -14.89 -12.12
C THR A 156 -42.13 -15.57 -13.18
N GLY A 157 -41.10 -16.29 -12.75
CA GLY A 157 -40.17 -16.90 -13.67
C GLY A 157 -38.84 -17.14 -12.97
N CYS A 158 -37.81 -17.36 -13.78
CA CYS A 158 -36.46 -17.59 -13.28
C CYS A 158 -35.43 -16.98 -14.22
N VAL A 159 -34.23 -16.72 -13.68
CA VAL A 159 -33.14 -16.10 -14.39
C VAL A 159 -31.92 -17.03 -14.32
N ILE A 160 -31.23 -17.17 -15.44
CA ILE A 160 -30.09 -18.07 -15.55
C ILE A 160 -28.85 -17.25 -15.90
N ALA A 161 -27.76 -17.47 -15.17
CA ALA A 161 -26.49 -16.80 -15.43
C ALA A 161 -25.35 -17.80 -15.33
N TRP A 162 -24.35 -17.64 -16.19
CA TRP A 162 -23.18 -18.50 -16.18
C TRP A 162 -21.95 -17.68 -16.60
N ASN A 163 -20.79 -18.09 -16.11
CA ASN A 163 -19.57 -17.35 -16.38
C ASN A 163 -19.14 -17.56 -17.83
N SER A 164 -18.59 -16.50 -18.42
CA SER A 164 -18.17 -16.52 -19.82
C SER A 164 -16.81 -15.87 -19.96
N ASN A 165 -15.85 -16.22 -19.09
CA ASN A 165 -14.54 -15.58 -19.10
C ASN A 165 -13.80 -15.87 -20.40
N ASN A 166 -13.78 -17.14 -20.82
CA ASN A 166 -12.87 -17.56 -21.88
C ASN A 166 -13.21 -16.97 -23.25
N LEU A 167 -14.49 -16.97 -23.63
CA LEU A 167 -14.83 -16.45 -24.96
C LEU A 167 -14.67 -14.94 -25.03
N ASP A 168 -15.19 -14.21 -24.03
CA ASP A 168 -15.28 -12.76 -24.15
C ASP A 168 -13.93 -12.08 -23.97
N SER A 169 -13.15 -12.53 -22.99
CA SER A 169 -11.91 -11.84 -22.66
C SER A 169 -10.89 -11.95 -23.79
N LYS A 170 -10.14 -10.87 -23.99
CA LYS A 170 -9.11 -10.84 -25.02
C LYS A 170 -7.92 -10.05 -24.51
N VAL A 171 -6.73 -10.41 -24.99
CA VAL A 171 -5.53 -9.68 -24.61
C VAL A 171 -5.59 -8.28 -25.19
N GLY A 172 -5.30 -7.29 -24.35
CA GLY A 172 -5.41 -5.90 -24.74
C GLY A 172 -6.77 -5.28 -24.51
N GLY A 173 -7.76 -6.06 -24.13
CA GLY A 173 -9.07 -5.53 -23.78
C GLY A 173 -10.08 -5.68 -24.89
N ASN A 174 -11.35 -5.81 -24.49
CA ASN A 174 -12.47 -5.90 -25.39
C ASN A 174 -13.37 -4.70 -25.12
N TYR A 175 -13.34 -3.71 -26.02
CA TYR A 175 -14.00 -2.43 -25.80
C TYR A 175 -15.30 -2.30 -26.58
N ASN A 176 -15.81 -3.37 -27.16
CA ASN A 176 -17.02 -3.27 -27.98
C ASN A 176 -18.27 -3.11 -27.12
N TYR A 177 -18.24 -3.63 -25.89
CA TYR A 177 -19.46 -3.82 -25.12
C TYR A 177 -19.83 -2.53 -24.39
N LEU A 178 -21.13 -2.25 -24.29
CA LEU A 178 -21.61 -0.92 -23.90
C LEU A 178 -22.71 -1.02 -22.85
N TYR A 179 -22.88 0.09 -22.12
CA TYR A 179 -23.96 0.26 -21.14
C TYR A 179 -24.10 1.74 -20.83
N ARG A 180 -25.23 2.11 -20.22
CA ARG A 180 -25.57 3.52 -19.99
C ARG A 180 -25.38 3.91 -18.54
N LEU A 181 -24.88 5.14 -18.33
CA LEU A 181 -24.57 5.59 -16.98
C LEU A 181 -25.65 6.50 -16.42
N PHE A 182 -25.95 7.60 -17.09
CA PHE A 182 -26.82 8.65 -16.56
C PHE A 182 -28.12 8.72 -17.34
N ARG A 183 -29.20 9.06 -16.66
CA ARG A 183 -30.50 9.26 -17.28
C ARG A 183 -31.35 10.20 -16.45
N LYS A 184 -32.40 10.75 -17.07
CA LYS A 184 -33.25 11.71 -16.38
C LYS A 184 -34.16 11.03 -15.37
N SER A 185 -34.74 9.89 -15.73
CA SER A 185 -35.70 9.22 -14.86
C SER A 185 -35.51 7.71 -14.95
N ASN A 186 -35.95 7.03 -13.89
CA ASN A 186 -35.88 5.58 -13.85
C ASN A 186 -36.79 4.97 -14.91
N LEU A 187 -36.39 3.80 -15.40
CA LEU A 187 -37.17 3.12 -16.43
C LEU A 187 -38.26 2.37 -15.68
N LYS A 188 -39.39 2.17 -16.34
CA LYS A 188 -40.46 1.38 -15.78
C LYS A 188 -40.23 0.00 -16.36
N PRO A 189 -40.81 -1.05 -15.78
CA PRO A 189 -40.54 -2.41 -16.24
C PRO A 189 -40.57 -2.74 -17.74
N PHE A 190 -39.60 -3.52 -18.23
CA PHE A 190 -39.56 -3.96 -19.62
C PHE A 190 -39.61 -2.79 -20.60
N GLU A 191 -38.60 -1.94 -20.53
CA GLU A 191 -38.45 -0.83 -21.47
C GLU A 191 -37.01 -0.75 -21.93
N ARG A 192 -36.84 -0.44 -23.22
CA ARG A 192 -35.52 -0.36 -23.83
C ARG A 192 -35.35 1.01 -24.48
N ASP A 193 -34.18 1.60 -24.31
CA ASP A 193 -33.81 2.85 -24.94
C ASP A 193 -32.52 2.69 -25.72
N ILE A 194 -32.53 3.16 -26.97
CA ILE A 194 -31.37 3.13 -27.84
C ILE A 194 -30.78 4.53 -28.00
N SER A 195 -31.49 5.55 -27.55
CA SER A 195 -31.13 6.93 -27.83
C SER A 195 -29.73 7.27 -27.33
N THR A 196 -28.98 7.98 -28.15
CA THR A 196 -27.62 8.43 -27.81
C THR A 196 -27.54 9.94 -27.66
N GLU A 197 -28.61 10.60 -27.23
CA GLU A 197 -28.59 12.04 -27.06
C GLU A 197 -27.71 12.42 -25.87
N ILE A 198 -27.10 13.60 -25.96
CA ILE A 198 -26.20 14.05 -24.90
C ILE A 198 -26.99 14.39 -23.65
N TYR A 199 -26.48 13.94 -22.50
CA TYR A 199 -27.09 14.21 -21.20
C TYR A 199 -26.69 15.59 -20.72
N GLN A 200 -27.67 16.38 -20.29
CA GLN A 200 -27.45 17.74 -19.83
C GLN A 200 -27.68 17.78 -18.32
N ALA A 201 -26.65 18.21 -17.57
CA ALA A 201 -26.80 18.30 -16.12
C ALA A 201 -27.03 19.74 -15.68
N GLY A 202 -26.25 20.68 -16.22
CA GLY A 202 -26.42 22.06 -15.87
C GLY A 202 -27.58 22.71 -16.58
N SER A 203 -27.89 23.95 -16.18
CA SER A 203 -29.00 24.67 -16.77
C SER A 203 -28.64 25.16 -18.18
N THR A 204 -27.36 25.35 -18.44
CA THR A 204 -26.94 25.89 -19.73
C THR A 204 -27.24 24.89 -20.84
N PRO A 205 -27.74 25.36 -21.99
CA PRO A 205 -27.97 24.44 -23.11
C PRO A 205 -26.66 23.85 -23.61
N CYS A 206 -26.72 22.57 -23.99
CA CYS A 206 -25.52 21.88 -24.46
C CYS A 206 -25.18 22.24 -25.90
N ASN A 207 -26.21 22.43 -26.73
CA ASN A 207 -26.04 22.77 -28.16
C ASN A 207 -25.31 21.66 -28.92
N GLY A 208 -25.51 20.42 -28.48
CA GLY A 208 -25.09 19.26 -29.24
C GLY A 208 -23.61 18.92 -29.24
N VAL A 209 -22.81 19.55 -28.39
CA VAL A 209 -21.40 19.25 -28.31
C VAL A 209 -21.02 18.95 -26.86
N GLU A 210 -20.11 18.00 -26.69
CA GLU A 210 -19.65 17.64 -25.36
C GLU A 210 -18.80 18.75 -24.76
N GLY A 211 -18.91 18.95 -23.45
CA GLY A 211 -18.14 19.97 -22.80
C GLY A 211 -18.44 20.04 -21.32
N PHE A 212 -18.32 21.26 -20.78
CA PHE A 212 -18.63 21.50 -19.37
C PHE A 212 -20.07 21.11 -19.08
N ASN A 213 -20.26 20.35 -17.99
CA ASN A 213 -21.57 19.91 -17.53
C ASN A 213 -22.35 19.16 -18.62
N CYS A 214 -21.67 18.72 -19.67
CA CYS A 214 -22.27 17.93 -20.74
C CYS A 214 -21.54 16.61 -20.84
N TYR A 215 -22.30 15.51 -20.79
CA TYR A 215 -21.73 14.18 -20.75
C TYR A 215 -22.36 13.29 -21.81
N PHE A 216 -21.55 12.45 -22.42
CA PHE A 216 -22.06 11.43 -23.31
C PHE A 216 -22.75 10.34 -22.50
N PRO A 217 -23.86 9.77 -22.99
CA PRO A 217 -24.63 8.84 -22.16
C PRO A 217 -23.97 7.48 -21.99
N LEU A 218 -23.35 6.94 -23.03
CA LEU A 218 -22.86 5.57 -23.02
C LEU A 218 -21.38 5.50 -22.71
N GLN A 219 -20.95 4.34 -22.19
CA GLN A 219 -19.56 4.09 -21.87
C GLN A 219 -19.22 2.63 -22.15
N SER A 220 -17.93 2.29 -22.19
CA SER A 220 -17.50 0.91 -22.49
C SER A 220 -17.05 0.01 -21.33
N TYR A 221 -17.33 -1.29 -21.41
CA TYR A 221 -16.96 -2.26 -20.36
C TYR A 221 -15.50 -2.60 -20.06
N GLY A 222 -14.65 -2.72 -21.07
CA GLY A 222 -13.25 -3.10 -20.86
C GLY A 222 -12.78 -4.39 -20.23
N PHE A 223 -13.32 -5.53 -20.65
CA PHE A 223 -12.91 -6.84 -20.11
C PHE A 223 -11.52 -7.39 -20.49
N GLN A 224 -10.73 -7.85 -19.51
CA GLN A 224 -9.41 -8.43 -19.75
C GLN A 224 -9.33 -9.77 -19.05
N PRO A 225 -8.51 -10.70 -19.56
CA PRO A 225 -8.48 -12.04 -18.98
C PRO A 225 -7.96 -12.11 -17.55
N THR A 226 -7.06 -11.20 -17.16
CA THR A 226 -6.41 -11.29 -15.86
C THR A 226 -7.24 -10.69 -14.73
N ASN A 227 -8.42 -10.16 -15.01
CA ASN A 227 -9.20 -9.48 -14.00
C ASN A 227 -9.67 -10.45 -12.93
N GLY A 228 -10.20 -9.90 -11.85
CA GLY A 228 -10.70 -10.71 -10.76
C GLY A 228 -12.05 -11.32 -11.08
N VAL A 229 -12.56 -12.06 -10.10
CA VAL A 229 -13.84 -12.74 -10.28
C VAL A 229 -14.97 -11.73 -10.46
N GLY A 230 -14.94 -10.66 -9.68
CA GLY A 230 -16.02 -9.70 -9.73
C GLY A 230 -16.13 -8.99 -11.07
N TYR A 231 -14.99 -8.71 -11.71
CA TYR A 231 -15.00 -7.96 -12.95
C TYR A 231 -15.08 -8.85 -14.19
N GLN A 232 -15.19 -10.16 -14.03
CA GLN A 232 -15.27 -11.05 -15.18
C GLN A 232 -16.65 -10.97 -15.81
N PRO A 233 -16.74 -11.20 -17.13
CA PRO A 233 -18.04 -11.16 -17.80
C PRO A 233 -18.89 -12.38 -17.48
N TYR A 234 -20.17 -12.13 -17.21
CA TYR A 234 -21.15 -13.18 -17.01
C TYR A 234 -22.29 -12.99 -17.98
N ARG A 235 -22.76 -14.09 -18.56
CA ARG A 235 -23.84 -14.08 -19.53
C ARG A 235 -25.15 -14.43 -18.83
N VAL A 236 -26.17 -13.60 -19.03
CA VAL A 236 -27.45 -13.74 -18.35
C VAL A 236 -28.55 -13.89 -19.39
N VAL A 237 -29.33 -14.97 -19.26
CA VAL A 237 -30.47 -15.24 -20.13
C VAL A 237 -31.68 -15.52 -19.27
N VAL A 238 -32.77 -14.80 -19.51
CA VAL A 238 -33.98 -14.86 -18.67
C VAL A 238 -35.10 -15.49 -19.47
N LEU A 239 -35.93 -16.29 -18.80
CA LEU A 239 -37.10 -16.91 -19.41
C LEU A 239 -38.35 -16.37 -18.73
N SER A 240 -39.15 -15.61 -19.47
CA SER A 240 -40.33 -14.94 -18.94
C SER A 240 -41.58 -15.65 -19.42
N PHE A 241 -42.40 -16.11 -18.48
CA PHE A 241 -43.67 -16.77 -18.78
C PHE A 241 -44.81 -15.81 -18.46
N GLU A 242 -45.65 -15.55 -19.45
CA GLU A 242 -46.77 -14.62 -19.26
C GLU A 242 -47.86 -15.28 -18.43
N LEU A 243 -48.33 -14.57 -17.41
CA LEU A 243 -49.37 -15.06 -16.52
C LEU A 243 -50.61 -14.23 -16.81
N LEU A 244 -51.58 -14.82 -17.49
CA LEU A 244 -52.85 -14.23 -17.83
C LEU A 244 -53.83 -15.37 -17.81
N HIS A 245 -55.12 -15.05 -17.67
CA HIS A 245 -56.15 -16.11 -17.73
C HIS A 245 -56.43 -16.14 -19.25
N ALA A 246 -55.97 -17.22 -19.88
CA ALA A 246 -55.97 -17.32 -21.33
C ALA A 246 -56.00 -18.84 -21.42
N PRO A 247 -56.45 -19.38 -22.55
CA PRO A 247 -56.45 -20.84 -22.71
C PRO A 247 -55.08 -21.47 -22.55
N ALA A 248 -54.03 -20.80 -23.00
CA ALA A 248 -52.65 -21.30 -22.91
C ALA A 248 -52.53 -22.67 -23.59
N THR A 249 -52.78 -22.70 -24.90
CA THR A 249 -52.74 -23.95 -25.64
C THR A 249 -51.44 -24.76 -25.68
N VAL A 250 -50.32 -24.11 -25.98
CA VAL A 250 -49.04 -24.82 -25.98
C VAL A 250 -48.40 -24.57 -24.58
N CYS A 251 -48.55 -25.59 -23.73
CA CYS A 251 -48.21 -25.45 -22.33
C CYS A 251 -46.68 -25.58 -22.25
N GLY A 252 -46.11 -26.45 -23.06
CA GLY A 252 -44.68 -26.69 -23.04
C GLY A 252 -44.16 -27.17 -21.70
N PRO A 253 -44.53 -28.41 -21.32
CA PRO A 253 -44.11 -28.96 -20.03
C PRO A 253 -42.60 -29.14 -19.91
N GLN B 18 -30.73 21.16 -9.45
CA GLN B 18 -29.49 21.57 -10.08
C GLN B 18 -28.52 22.15 -9.06
N SER B 19 -28.60 21.67 -7.82
CA SER B 19 -27.68 22.08 -6.78
C SER B 19 -26.28 21.54 -7.09
N THR B 20 -25.27 22.21 -6.51
CA THR B 20 -23.89 21.88 -6.84
C THR B 20 -23.55 20.44 -6.45
N GLU B 21 -24.31 19.86 -5.51
CA GLU B 21 -24.06 18.48 -5.12
C GLU B 21 -24.30 17.52 -6.28
N ASP B 22 -25.38 17.77 -6.99
CA ASP B 22 -25.71 16.91 -8.11
C ASP B 22 -24.62 17.12 -9.10
N LEU B 23 -24.21 18.36 -9.27
CA LEU B 23 -23.20 18.64 -10.25
C LEU B 23 -21.87 17.97 -9.92
N VAL B 24 -21.44 18.04 -8.66
CA VAL B 24 -20.22 17.35 -8.27
C VAL B 24 -20.33 15.84 -8.32
N ASN B 25 -21.48 15.29 -7.95
CA ASN B 25 -21.64 13.87 -7.94
C ASN B 25 -21.50 13.30 -9.33
N THR B 26 -22.08 13.97 -10.31
CA THR B 26 -21.96 13.52 -11.67
C THR B 26 -20.53 13.57 -12.18
N PHE B 27 -19.80 14.62 -11.84
CA PHE B 27 -18.43 14.73 -12.30
C PHE B 27 -17.65 13.62 -11.71
N LEU B 28 -17.88 13.34 -10.44
CA LEU B 28 -17.11 12.33 -9.78
C LEU B 28 -17.35 10.97 -10.41
N GLU B 29 -18.57 10.68 -10.82
CA GLU B 29 -18.87 9.38 -11.39
C GLU B 29 -18.12 9.19 -12.69
N LYS B 30 -18.08 10.21 -13.51
CA LYS B 30 -17.36 10.10 -14.76
C LYS B 30 -15.90 9.85 -14.50
N PHE B 31 -15.32 10.59 -13.56
CA PHE B 31 -13.91 10.41 -13.26
C PHE B 31 -13.63 9.03 -12.77
N ASN B 32 -14.47 8.49 -11.92
CA ASN B 32 -14.20 7.19 -11.36
C ASN B 32 -14.14 6.09 -12.40
N TYR B 33 -15.01 6.13 -13.39
CA TYR B 33 -15.04 5.07 -14.38
C TYR B 33 -13.98 5.23 -15.43
N GLU B 34 -13.46 6.43 -15.63
CA GLU B 34 -12.35 6.52 -16.59
C GLU B 34 -11.01 6.19 -15.95
N ALA B 35 -10.78 6.72 -14.74
CA ALA B 35 -9.49 6.55 -14.10
C ALA B 35 -9.20 5.10 -13.81
N GLU B 36 -10.24 4.30 -13.56
CA GLU B 36 -10.02 2.89 -13.27
C GLU B 36 -9.33 2.27 -14.49
N GLU B 37 -9.88 2.51 -15.68
CA GLU B 37 -9.33 1.86 -16.87
C GLU B 37 -7.91 2.37 -17.22
N LEU B 38 -7.72 3.69 -17.17
CA LEU B 38 -6.34 4.19 -17.27
C LEU B 38 -5.30 3.60 -16.33
N SER B 39 -5.62 3.56 -15.03
CA SER B 39 -4.65 3.08 -14.05
C SER B 39 -4.33 1.61 -14.26
N TYR B 40 -5.33 0.80 -14.61
CA TYR B 40 -5.05 -0.61 -14.88
C TYR B 40 -4.04 -0.75 -16.02
N GLN B 41 -4.25 -0.01 -17.11
CA GLN B 41 -3.31 -0.13 -18.22
C GLN B 41 -1.89 0.23 -17.79
N SER B 42 -1.75 1.34 -17.06
CA SER B 42 -0.41 1.75 -16.64
C SER B 42 0.25 0.71 -15.76
N SER B 43 -0.49 0.19 -14.78
CA SER B 43 0.09 -0.79 -13.85
C SER B 43 0.47 -2.07 -14.58
N LEU B 44 -0.35 -2.52 -15.54
CA LEU B 44 -0.02 -3.72 -16.29
C LEU B 44 1.26 -3.53 -17.08
N ALA B 45 1.42 -2.35 -17.71
CA ALA B 45 2.67 -2.11 -18.42
C ALA B 45 3.87 -2.15 -17.48
N SER B 46 3.75 -1.54 -16.30
CA SER B 46 4.88 -1.50 -15.39
C SER B 46 5.25 -2.90 -14.90
N TRP B 47 4.24 -3.72 -14.58
CA TRP B 47 4.51 -5.10 -14.19
C TRP B 47 5.27 -5.97 -15.17
N ASP B 48 4.86 -5.95 -16.44
CA ASP B 48 5.59 -6.71 -17.45
C ASP B 48 7.01 -6.17 -17.75
N TYR B 49 7.19 -4.88 -17.47
CA TYR B 49 8.53 -4.31 -17.59
C TYR B 49 9.33 -5.03 -16.51
N ASN B 50 8.85 -4.96 -15.26
CA ASN B 50 9.66 -5.47 -14.15
C ASN B 50 9.86 -6.98 -14.25
N THR B 51 8.88 -7.71 -14.75
CA THR B 51 9.05 -9.15 -14.90
C THR B 51 9.96 -9.50 -16.08
N ASN B 52 9.92 -8.70 -17.14
CA ASN B 52 10.51 -9.03 -18.42
C ASN B 52 11.17 -7.77 -18.97
N ILE B 53 12.50 -7.72 -18.94
CA ILE B 53 13.24 -6.49 -19.19
C ILE B 53 13.65 -6.42 -20.66
N SER B 54 13.41 -5.27 -21.29
CA SER B 54 13.79 -5.02 -22.67
C SER B 54 13.53 -3.55 -23.00
N ASP B 55 13.89 -3.17 -24.23
CA ASP B 55 13.66 -1.79 -24.66
C ASP B 55 12.19 -1.53 -24.96
N GLU B 56 11.52 -2.50 -25.61
CA GLU B 56 10.10 -2.33 -25.90
C GLU B 56 9.30 -2.15 -24.63
N ASN B 57 9.68 -2.87 -23.57
CA ASN B 57 8.94 -2.80 -22.32
C ASN B 57 9.05 -1.41 -21.68
N VAL B 58 10.25 -0.84 -21.66
CA VAL B 58 10.41 0.48 -21.06
C VAL B 58 9.73 1.55 -21.91
N GLN B 59 9.76 1.39 -23.23
CA GLN B 59 9.03 2.32 -24.08
C GLN B 59 7.53 2.26 -23.80
N LYS B 60 6.99 1.05 -23.63
CA LYS B 60 5.57 0.92 -23.31
C LYS B 60 5.25 1.52 -21.94
N MET B 61 6.13 1.32 -20.96
CA MET B 61 5.93 1.96 -19.66
C MET B 61 5.82 3.46 -19.82
N ASN B 62 6.76 4.05 -20.55
CA ASN B 62 6.77 5.50 -20.70
C ASN B 62 5.49 6.00 -21.37
N ASN B 63 5.04 5.31 -22.42
CA ASN B 63 3.82 5.76 -23.09
C ASN B 63 2.62 5.71 -22.16
N ALA B 64 2.44 4.58 -21.45
CA ALA B 64 1.29 4.45 -20.57
C ALA B 64 1.32 5.45 -19.44
N GLY B 65 2.50 5.65 -18.84
CA GLY B 65 2.61 6.61 -17.75
C GLY B 65 2.34 8.03 -18.20
N ALA B 66 2.83 8.41 -19.38
CA ALA B 66 2.57 9.75 -19.89
C ALA B 66 1.07 9.94 -20.11
N LYS B 67 0.40 8.92 -20.66
CA LYS B 67 -1.03 9.03 -20.87
C LYS B 67 -1.77 9.22 -19.55
N TRP B 68 -1.43 8.41 -18.55
CA TRP B 68 -2.09 8.51 -17.25
C TRP B 68 -1.87 9.87 -16.60
N SER B 69 -0.63 10.36 -16.63
CA SER B 69 -0.32 11.66 -16.03
C SER B 69 -1.07 12.78 -16.73
N ALA B 70 -1.14 12.73 -18.06
CA ALA B 70 -1.86 13.76 -18.79
C ALA B 70 -3.34 13.77 -18.41
N PHE B 71 -3.96 12.59 -18.32
CA PHE B 71 -5.37 12.53 -17.95
C PHE B 71 -5.58 13.10 -16.55
N TYR B 72 -4.74 12.71 -15.61
CA TYR B 72 -4.90 13.20 -14.24
C TYR B 72 -4.74 14.72 -14.16
N GLU B 73 -3.74 15.25 -14.85
CA GLU B 73 -3.53 16.70 -14.84
C GLU B 73 -4.72 17.44 -15.44
N GLU B 74 -5.23 16.95 -16.58
CA GLU B 74 -6.36 17.61 -17.20
C GLU B 74 -7.58 17.59 -16.28
N GLN B 75 -7.86 16.43 -15.68
CA GLN B 75 -9.02 16.34 -14.79
C GLN B 75 -8.86 17.26 -13.58
N SER B 76 -7.65 17.31 -13.01
CA SER B 76 -7.45 18.17 -11.84
C SER B 76 -7.64 19.63 -12.19
N LYS B 77 -7.11 20.06 -13.35
CA LYS B 77 -7.30 21.45 -13.76
C LYS B 77 -8.77 21.74 -14.02
N LEU B 78 -9.50 20.76 -14.55
CA LEU B 78 -10.92 20.95 -14.83
C LEU B 78 -11.73 21.17 -13.56
N ALA B 79 -11.38 20.43 -12.51
CA ALA B 79 -12.15 20.45 -11.27
C ALA B 79 -11.68 21.44 -10.28
N LYS B 80 -10.74 22.30 -10.62
CA LYS B 80 -10.41 23.36 -9.68
C LYS B 80 -11.60 24.28 -9.62
N THR B 81 -12.46 24.23 -10.64
CA THR B 81 -13.61 25.14 -10.72
C THR B 81 -14.70 25.08 -9.66
N TYR B 82 -15.07 23.89 -9.19
CA TYR B 82 -16.17 23.78 -8.25
C TYR B 82 -15.97 24.36 -6.81
N PRO B 83 -16.80 25.37 -6.33
CA PRO B 83 -16.68 25.79 -4.93
C PRO B 83 -16.80 24.61 -3.99
N LEU B 84 -16.00 24.65 -2.91
CA LEU B 84 -15.86 23.47 -2.06
C LEU B 84 -16.67 23.61 -0.77
N GLU B 85 -16.92 24.85 -0.34
CA GLU B 85 -17.53 25.06 0.97
C GLU B 85 -18.98 24.58 1.02
N GLU B 86 -19.71 24.68 -0.09
CA GLU B 86 -21.14 24.39 -0.06
C GLU B 86 -21.42 22.89 0.05
N ILE B 87 -20.42 22.05 -0.18
CA ILE B 87 -20.63 20.61 -0.07
C ILE B 87 -20.87 20.25 1.39
N GLN B 88 -21.96 19.51 1.65
CA GLN B 88 -22.36 19.19 3.01
C GLN B 88 -22.33 17.70 3.32
N ASP B 89 -21.71 16.89 2.47
CA ASP B 89 -21.53 15.48 2.74
C ASP B 89 -20.06 15.20 2.94
N SER B 90 -19.74 14.37 3.94
CA SER B 90 -18.35 14.18 4.33
C SER B 90 -17.55 13.47 3.25
N THR B 91 -18.08 12.36 2.73
CA THR B 91 -17.32 11.56 1.77
C THR B 91 -17.08 12.34 0.48
N VAL B 92 -18.10 13.03 -0.04
CA VAL B 92 -17.94 13.80 -1.26
C VAL B 92 -16.94 14.93 -1.05
N LYS B 93 -16.98 15.56 0.12
CA LYS B 93 -16.03 16.62 0.42
C LYS B 93 -14.63 16.03 0.46
N ARG B 94 -14.50 14.84 1.05
CA ARG B 94 -13.19 14.19 1.09
C ARG B 94 -12.66 13.96 -0.31
N GLN B 95 -13.49 13.40 -1.19
CA GLN B 95 -13.05 13.14 -2.55
C GLN B 95 -12.67 14.41 -3.30
N LEU B 96 -13.48 15.46 -3.19
CA LEU B 96 -13.19 16.69 -3.89
C LEU B 96 -11.90 17.31 -3.40
N ARG B 97 -11.67 17.28 -2.09
CA ARG B 97 -10.41 17.82 -1.56
C ARG B 97 -9.23 17.03 -2.09
N ALA B 98 -9.36 15.71 -2.17
CA ALA B 98 -8.27 14.89 -2.69
C ALA B 98 -7.97 15.23 -4.14
N LEU B 99 -9.01 15.46 -4.95
CA LEU B 99 -8.78 15.71 -6.37
C LEU B 99 -8.23 17.12 -6.62
N GLN B 100 -8.37 18.03 -5.67
CA GLN B 100 -8.02 19.43 -5.87
C GLN B 100 -6.68 19.81 -5.26
N HIS B 101 -5.70 18.91 -5.25
CA HIS B 101 -4.41 19.23 -4.64
C HIS B 101 -3.70 20.34 -5.40
N SER B 102 -3.55 20.17 -6.71
CA SER B 102 -2.91 21.15 -7.58
C SER B 102 -1.55 21.58 -7.01
N GLY B 103 -0.65 20.62 -6.89
CA GLY B 103 0.61 20.89 -6.21
C GLY B 103 1.53 21.80 -7.00
N SER B 104 2.18 21.26 -8.03
CA SER B 104 3.28 21.95 -8.69
C SER B 104 2.88 22.64 -9.98
N SER B 105 1.60 22.60 -10.36
CA SER B 105 1.19 23.27 -11.58
C SER B 105 1.16 24.79 -11.40
N VAL B 106 1.18 25.27 -10.15
CA VAL B 106 1.05 26.70 -9.90
C VAL B 106 2.25 27.46 -10.44
N LEU B 107 3.43 26.86 -10.36
CA LEU B 107 4.65 27.52 -10.81
C LEU B 107 4.62 27.72 -12.33
N SER B 108 5.38 28.71 -12.78
CA SER B 108 5.46 28.99 -14.20
C SER B 108 6.25 27.89 -14.92
N ALA B 109 6.18 27.92 -16.26
CA ALA B 109 6.75 26.84 -17.05
C ALA B 109 8.27 26.78 -16.94
N ASP B 110 8.93 27.93 -17.08
CA ASP B 110 10.39 27.94 -17.07
C ASP B 110 10.92 27.48 -15.71
N LYS B 111 10.33 27.96 -14.63
CA LYS B 111 10.76 27.54 -13.30
C LYS B 111 10.48 26.06 -13.08
N ASN B 112 9.37 25.56 -13.62
CA ASN B 112 9.09 24.14 -13.51
C ASN B 112 10.17 23.31 -14.20
N GLN B 113 10.57 23.72 -15.40
CA GLN B 113 11.66 23.04 -16.10
C GLN B 113 12.95 23.11 -15.30
N ARG B 114 13.22 24.29 -14.70
CA ARG B 114 14.47 24.48 -13.97
C ARG B 114 14.52 23.51 -12.79
N LEU B 115 13.43 23.42 -12.04
CA LEU B 115 13.34 22.52 -10.90
C LEU B 115 13.46 21.06 -11.33
N ASN B 116 12.83 20.72 -12.45
CA ASN B 116 12.93 19.34 -12.93
C ASN B 116 14.37 18.98 -13.26
N THR B 117 15.13 19.91 -13.85
CA THR B 117 16.52 19.61 -14.16
C THR B 117 17.37 19.53 -12.89
N ILE B 118 17.02 20.31 -11.86
CA ILE B 118 17.68 20.11 -10.56
C ILE B 118 17.47 18.69 -10.06
N LEU B 119 16.22 18.23 -10.04
CA LEU B 119 15.95 16.91 -9.50
C LEU B 119 16.66 15.82 -10.29
N ASN B 120 16.63 15.92 -11.62
CA ASN B 120 17.31 14.91 -12.43
C ASN B 120 18.81 14.90 -12.18
N SER B 121 19.42 16.09 -12.10
CA SER B 121 20.87 16.14 -11.88
C SER B 121 21.23 15.56 -10.51
N MET B 122 20.44 15.88 -9.49
CA MET B 122 20.71 15.34 -8.16
C MET B 122 20.64 13.82 -8.16
N SER B 123 19.59 13.26 -8.76
CA SER B 123 19.46 11.81 -8.78
C SER B 123 20.60 11.16 -9.54
N THR B 124 20.98 11.73 -10.69
CA THR B 124 22.07 11.16 -11.47
C THR B 124 23.38 11.20 -10.71
N ILE B 125 23.67 12.33 -10.04
CA ILE B 125 24.91 12.46 -9.31
C ILE B 125 24.96 11.44 -8.18
N TYR B 126 23.84 11.23 -7.49
CA TYR B 126 23.82 10.22 -6.44
C TYR B 126 24.04 8.83 -7.00
N SER B 127 23.43 8.52 -8.15
CA SER B 127 23.51 7.18 -8.71
C SER B 127 24.92 6.84 -9.17
N THR B 128 25.60 7.79 -9.83
CA THR B 128 26.90 7.48 -10.43
C THR B 128 28.08 8.05 -9.68
N GLY B 129 28.03 8.10 -8.35
CA GLY B 129 29.13 8.64 -7.59
C GLY B 129 30.34 7.73 -7.61
N LYS B 130 31.50 8.32 -7.34
CA LYS B 130 32.78 7.60 -7.30
C LYS B 130 33.60 8.05 -6.11
N ALA B 131 34.29 7.10 -5.49
CA ALA B 131 35.26 7.37 -4.43
C ALA B 131 36.47 6.48 -4.63
N CYS B 132 37.65 7.01 -4.34
CA CYS B 132 38.90 6.32 -4.64
C CYS B 132 39.81 6.29 -3.41
N ASN B 133 40.56 5.20 -3.30
CA ASN B 133 41.49 5.03 -2.19
C ASN B 133 42.61 6.05 -2.29
N PRO B 134 43.08 6.59 -1.16
CA PRO B 134 44.21 7.52 -1.22
C PRO B 134 45.54 6.83 -1.50
N SER B 135 45.74 5.64 -0.94
CA SER B 135 46.99 4.92 -1.17
C SER B 135 47.08 4.42 -2.60
N ASN B 136 46.01 3.81 -3.12
CA ASN B 136 46.01 3.21 -4.44
C ASN B 136 45.00 3.97 -5.28
N PRO B 137 45.41 4.92 -6.12
CA PRO B 137 44.44 5.68 -6.92
C PRO B 137 43.66 4.84 -7.91
N GLN B 138 44.22 3.71 -8.36
CA GLN B 138 43.56 2.92 -9.40
C GLN B 138 42.25 2.33 -8.90
N GLU B 139 42.20 1.92 -7.63
CA GLU B 139 40.99 1.30 -7.09
C GLU B 139 39.96 2.36 -6.75
N CYS B 140 38.84 2.35 -7.47
CA CYS B 140 37.73 3.26 -7.23
C CYS B 140 36.44 2.46 -7.22
N LEU B 141 35.63 2.66 -6.17
CA LEU B 141 34.43 1.86 -5.94
C LEU B 141 33.19 2.74 -5.98
N LEU B 142 32.04 2.17 -6.35
CA LEU B 142 30.79 2.93 -6.31
C LEU B 142 30.10 2.51 -5.03
N LEU B 143 29.10 3.24 -4.57
CA LEU B 143 28.53 2.92 -3.26
C LEU B 143 27.86 1.58 -3.15
N GLU B 144 26.95 1.26 -4.05
CA GLU B 144 26.21 0.01 -3.89
C GLU B 144 26.97 -1.31 -4.01
N PRO B 145 27.84 -1.44 -5.02
CA PRO B 145 28.55 -2.72 -5.04
C PRO B 145 29.52 -2.96 -3.90
N GLY B 146 30.29 -1.96 -3.47
CA GLY B 146 31.32 -2.22 -2.47
C GLY B 146 31.55 -1.37 -1.25
N LEU B 147 31.33 -0.08 -1.33
CA LEU B 147 31.42 0.77 -0.14
C LEU B 147 30.57 0.21 1.00
N ASP B 148 29.35 -0.25 0.68
CA ASP B 148 28.51 -0.85 1.70
C ASP B 148 29.14 -2.13 2.25
N ASP B 149 29.77 -2.94 1.39
CA ASP B 149 30.42 -4.15 1.88
C ASP B 149 31.55 -3.80 2.84
N ILE B 150 32.37 -2.81 2.48
CA ILE B 150 33.46 -2.40 3.34
C ILE B 150 32.92 -1.91 4.68
N MET B 151 31.84 -1.12 4.64
CA MET B 151 31.33 -0.53 5.87
C MET B 151 30.65 -1.56 6.75
N GLU B 152 30.03 -2.59 6.15
CA GLU B 152 29.31 -3.57 6.95
C GLU B 152 30.26 -4.61 7.53
N ASN B 153 31.29 -5.01 6.78
CA ASN B 153 32.16 -6.09 7.21
C ASN B 153 33.38 -5.64 8.00
N SER B 154 34.06 -4.57 7.58
CA SER B 154 35.43 -4.32 8.04
C SER B 154 35.50 -3.97 9.51
N LYS B 155 36.68 -4.16 10.09
CA LYS B 155 36.96 -3.84 11.49
C LYS B 155 38.22 -3.02 11.67
N ASP B 156 38.63 -2.28 10.65
CA ASP B 156 39.83 -1.45 10.70
C ASP B 156 39.46 0.02 10.76
N TYR B 157 40.14 0.78 11.63
CA TYR B 157 39.83 2.19 11.81
C TYR B 157 40.08 2.98 10.54
N ASN B 158 41.28 2.87 9.97
CA ASN B 158 41.62 3.69 8.82
C ASN B 158 40.84 3.29 7.59
N GLU B 159 40.57 1.98 7.42
CA GLU B 159 39.79 1.53 6.28
C GLU B 159 38.41 2.14 6.28
N ARG B 160 37.75 2.18 7.44
CA ARG B 160 36.44 2.80 7.54
C ARG B 160 36.53 4.31 7.37
N LEU B 161 37.57 4.92 7.95
CA LEU B 161 37.67 6.38 7.94
C LEU B 161 37.85 6.89 6.52
N TRP B 162 38.68 6.23 5.72
CA TRP B 162 38.92 6.72 4.37
C TRP B 162 37.65 6.65 3.54
N ALA B 163 36.86 5.58 3.69
CA ALA B 163 35.60 5.49 2.96
C ALA B 163 34.63 6.57 3.40
N TRP B 164 34.49 6.75 4.71
CA TRP B 164 33.55 7.75 5.22
C TRP B 164 33.92 9.14 4.74
N GLU B 165 35.20 9.48 4.76
CA GLU B 165 35.62 10.80 4.33
C GLU B 165 35.49 10.95 2.82
N GLY B 166 35.88 9.94 2.06
CA GLY B 166 35.89 10.05 0.62
C GLY B 166 34.50 10.20 0.02
N TRP B 167 33.54 9.43 0.55
CA TRP B 167 32.18 9.54 0.03
C TRP B 167 31.67 10.97 0.16
N ARG B 168 31.81 11.56 1.34
CA ARG B 168 31.36 12.92 1.54
C ARG B 168 32.13 13.90 0.66
N SER B 169 33.46 13.77 0.61
CA SER B 169 34.27 14.73 -0.13
C SER B 169 33.97 14.67 -1.62
N GLU B 170 33.55 13.52 -2.12
CA GLU B 170 33.27 13.39 -3.55
C GLU B 170 31.82 13.73 -3.90
N VAL B 171 30.90 13.60 -2.94
CA VAL B 171 29.50 13.78 -3.27
C VAL B 171 28.97 15.13 -2.82
N GLY B 172 29.21 15.50 -1.56
CA GLY B 172 28.56 16.69 -1.00
C GLY B 172 29.00 17.98 -1.66
N LYS B 173 30.28 18.08 -2.01
CA LYS B 173 30.78 19.28 -2.67
C LYS B 173 30.02 19.52 -3.98
N GLN B 174 29.76 18.46 -4.72
CA GLN B 174 28.99 18.60 -5.95
C GLN B 174 27.52 18.90 -5.66
N LEU B 175 26.97 18.30 -4.60
CA LEU B 175 25.53 18.38 -4.41
C LEU B 175 25.09 19.72 -3.84
N ARG B 176 25.89 20.37 -3.00
CA ARG B 176 25.39 21.50 -2.22
C ARG B 176 24.86 22.66 -3.06
N PRO B 177 25.58 23.18 -4.07
CA PRO B 177 25.02 24.30 -4.85
C PRO B 177 23.68 23.98 -5.49
N LEU B 178 23.49 22.73 -5.92
CA LEU B 178 22.19 22.35 -6.45
C LEU B 178 21.11 22.40 -5.36
N TYR B 179 21.45 21.94 -4.16
CA TYR B 179 20.48 21.93 -3.08
C TYR B 179 20.06 23.33 -2.70
N GLU B 180 20.95 24.31 -2.87
CA GLU B 180 20.60 25.69 -2.57
C GLU B 180 19.43 26.17 -3.44
N GLU B 181 19.57 26.03 -4.76
CA GLU B 181 18.48 26.43 -5.65
C GLU B 181 17.26 25.56 -5.42
N TYR B 182 17.47 24.29 -5.04
CA TYR B 182 16.34 23.40 -4.82
C TYR B 182 15.47 23.90 -3.67
N VAL B 183 16.09 24.27 -2.54
CA VAL B 183 15.30 24.74 -1.41
C VAL B 183 14.64 26.08 -1.74
N ALA B 184 15.36 26.96 -2.45
CA ALA B 184 14.76 28.24 -2.82
C ALA B 184 13.49 28.04 -3.66
N LEU B 185 13.60 27.25 -4.73
CA LEU B 185 12.47 27.08 -5.63
C LEU B 185 11.33 26.32 -4.97
N LYS B 186 11.63 25.32 -4.15
CA LYS B 186 10.57 24.60 -3.44
C LYS B 186 9.84 25.52 -2.48
N ASN B 187 10.56 26.41 -1.80
CA ASN B 187 9.89 27.35 -0.91
C ASN B 187 8.98 28.29 -1.69
N GLU B 188 9.43 28.76 -2.85
CA GLU B 188 8.57 29.59 -3.68
C GLU B 188 7.25 28.94 -4.08
N MET B 189 7.32 27.70 -4.58
CA MET B 189 6.10 26.96 -4.92
C MET B 189 5.20 26.69 -3.71
N ALA B 190 5.80 26.45 -2.56
CA ALA B 190 5.01 26.20 -1.36
C ALA B 190 4.26 27.49 -1.04
N ARG B 191 4.96 28.64 -1.09
CA ARG B 191 4.31 29.90 -0.78
C ARG B 191 3.20 30.22 -1.78
N ALA B 192 3.41 29.84 -3.05
CA ALA B 192 2.41 30.15 -4.06
C ALA B 192 1.04 29.50 -3.85
N ASN B 193 0.97 28.43 -3.07
CA ASN B 193 -0.28 27.69 -2.86
C ASN B 193 -0.74 27.78 -1.40
N ASN B 194 -0.57 28.95 -0.79
CA ASN B 194 -1.04 29.22 0.58
C ASN B 194 -0.51 28.30 1.68
N TYR B 195 0.81 28.15 1.73
CA TYR B 195 1.50 27.49 2.83
C TYR B 195 2.66 28.38 3.27
N GLU B 196 2.97 28.35 4.57
CA GLU B 196 4.05 29.20 5.07
C GLU B 196 5.41 28.73 4.55
N ASP B 197 5.64 27.43 4.52
CA ASP B 197 6.92 26.89 4.05
C ASP B 197 6.71 25.47 3.55
N TYR B 198 7.77 24.91 2.97
CA TYR B 198 7.70 23.54 2.46
C TYR B 198 7.47 22.55 3.59
N GLY B 199 8.03 22.83 4.76
CA GLY B 199 7.80 21.97 5.90
C GLY B 199 6.33 21.86 6.25
N ASP B 200 5.61 22.99 6.14
CA ASP B 200 4.17 22.95 6.36
C ASP B 200 3.48 22.09 5.31
N TYR B 201 3.95 22.16 4.07
CA TYR B 201 3.39 21.33 3.02
C TYR B 201 3.55 19.85 3.34
N TRP B 202 4.73 19.46 3.80
CA TRP B 202 4.95 18.06 4.15
C TRP B 202 4.11 17.68 5.36
N ARG B 203 4.01 18.57 6.35
CA ARG B 203 3.27 18.27 7.56
C ARG B 203 1.77 18.20 7.33
N GLY B 204 1.28 18.80 6.23
CA GLY B 204 -0.14 18.78 5.98
C GLY B 204 -0.70 17.41 5.65
N ASP B 205 0.16 16.41 5.58
CA ASP B 205 -0.28 15.06 5.27
C ASP B 205 -1.09 14.51 6.41
N TYR B 206 -0.66 14.79 7.62
CA TYR B 206 -1.40 14.37 8.81
C TYR B 206 -2.49 15.34 9.22
N GLU B 207 -2.63 16.47 8.53
CA GLU B 207 -3.66 17.47 8.85
C GLU B 207 -5.02 16.98 8.39
N GLU B 208 -6.01 17.09 9.26
CA GLU B 208 -7.35 16.72 8.86
C GLU B 208 -8.40 17.48 9.65
N GLU B 209 -9.48 17.89 8.97
CA GLU B 209 -10.56 18.67 9.55
C GLU B 209 -11.80 17.79 9.66
N TRP B 210 -12.39 17.75 10.86
CA TRP B 210 -13.59 16.99 11.14
C TRP B 210 -14.43 17.78 12.13
N GLU B 211 -15.46 17.12 12.68
CA GLU B 211 -16.48 17.85 13.42
C GLU B 211 -16.33 17.70 14.93
N ASN B 212 -16.36 16.48 15.46
CA ASN B 212 -16.55 16.26 16.90
C ASN B 212 -15.26 15.67 17.48
N GLY B 213 -14.38 16.55 17.94
CA GLY B 213 -13.25 16.13 18.75
C GLY B 213 -12.18 15.34 18.04
N TYR B 214 -12.27 15.18 16.72
CA TYR B 214 -11.30 14.40 15.97
C TYR B 214 -10.43 15.26 15.07
N ASN B 215 -10.35 16.48 15.17
CA ASN B 215 -9.55 17.30 14.29
C ASN B 215 -8.09 17.20 14.62
N TYR B 216 -7.24 17.58 13.78
CA TYR B 216 -5.80 17.55 14.00
C TYR B 216 -5.18 18.74 13.27
N SER B 217 -4.32 19.46 13.96
CA SER B 217 -3.71 20.66 13.43
C SER B 217 -2.28 20.37 12.99
N ARG B 218 -1.80 21.15 12.04
CA ARG B 218 -0.47 20.91 11.50
C ARG B 218 0.61 21.10 12.56
N ASN B 219 0.40 22.06 13.46
CA ASN B 219 1.44 22.37 14.44
C ASN B 219 1.51 21.34 15.55
N GLN B 220 0.43 20.58 15.78
CA GLN B 220 0.41 19.67 16.92
C GLN B 220 1.39 18.53 16.74
N LEU B 221 1.79 18.24 15.50
CA LEU B 221 2.71 17.15 15.24
C LEU B 221 4.05 17.38 15.91
N ILE B 222 4.55 18.62 15.87
CA ILE B 222 5.83 18.94 16.48
C ILE B 222 5.79 18.67 17.98
N ASP B 223 4.73 19.14 18.64
CA ASP B 223 4.60 18.94 20.09
C ASP B 223 4.50 17.46 20.43
N ASP B 224 3.72 16.71 19.66
CA ASP B 224 3.58 15.28 19.94
C ASP B 224 4.91 14.56 19.80
N VAL B 225 5.67 14.87 18.75
CA VAL B 225 6.97 14.24 18.57
C VAL B 225 7.90 14.59 19.72
N GLU B 226 7.90 15.86 20.13
CA GLU B 226 8.75 16.27 21.25
C GLU B 226 8.41 15.48 22.51
N HIS B 227 7.11 15.38 22.82
CA HIS B 227 6.69 14.70 24.02
C HIS B 227 7.08 13.24 24.01
N THR B 228 6.96 12.58 22.84
CA THR B 228 7.36 11.18 22.75
C THR B 228 8.86 11.02 22.95
N PHE B 229 9.66 11.90 22.34
CA PHE B 229 11.11 11.77 22.45
C PHE B 229 11.57 11.94 23.89
N THR B 230 10.97 12.88 24.62
CA THR B 230 11.38 13.10 26.00
C THR B 230 11.21 11.84 26.84
N GLN B 231 10.16 11.06 26.57
CA GLN B 231 9.96 9.82 27.31
C GLN B 231 10.90 8.74 26.83
N ILE B 232 11.21 8.71 25.53
CA ILE B 232 12.02 7.60 25.03
C ILE B 232 13.50 7.76 25.37
N MET B 233 13.93 8.95 25.76
CA MET B 233 15.37 9.19 25.94
C MET B 233 16.12 8.23 26.87
N PRO B 234 15.64 7.90 28.09
CA PRO B 234 16.49 7.12 29.02
C PRO B 234 16.96 5.77 28.50
N LEU B 235 16.09 5.05 27.80
CA LEU B 235 16.48 3.77 27.24
C LEU B 235 17.62 3.93 26.24
N TYR B 236 17.54 4.98 25.41
CA TYR B 236 18.62 5.26 24.48
C TYR B 236 19.90 5.56 25.23
N GLN B 237 19.81 6.31 26.34
CA GLN B 237 21.01 6.60 27.11
C GLN B 237 21.68 5.32 27.60
N HIS B 238 20.90 4.41 28.16
CA HIS B 238 21.49 3.19 28.71
C HIS B 238 22.06 2.30 27.61
N LEU B 239 21.35 2.17 26.48
CA LEU B 239 21.88 1.39 25.37
C LEU B 239 23.16 1.99 24.84
N HIS B 240 23.22 3.32 24.76
CA HIS B 240 24.43 4.00 24.34
C HIS B 240 25.60 3.68 25.25
N ALA B 241 25.36 3.72 26.56
CA ALA B 241 26.43 3.39 27.51
C ALA B 241 26.91 1.96 27.34
N TYR B 242 25.98 1.01 27.19
CA TYR B 242 26.38 -0.39 27.02
C TYR B 242 27.20 -0.59 25.76
N VAL B 243 26.77 0.04 24.65
CA VAL B 243 27.49 -0.12 23.40
C VAL B 243 28.88 0.50 23.52
N ARG B 244 29.00 1.63 24.21
CA ARG B 244 30.31 2.24 24.41
C ARG B 244 31.24 1.31 25.18
N THR B 245 30.74 0.75 26.28
CA THR B 245 31.58 -0.14 27.08
C THR B 245 32.01 -1.36 26.27
N LYS B 246 31.09 -1.94 25.49
CA LYS B 246 31.44 -3.11 24.70
C LYS B 246 32.45 -2.76 23.61
N LEU B 247 32.28 -1.61 22.96
CA LEU B 247 33.17 -1.25 21.87
C LEU B 247 34.53 -0.81 22.37
N MET B 248 34.63 -0.48 23.66
CA MET B 248 35.92 -0.11 24.23
C MET B 248 36.97 -1.20 24.02
N ASP B 249 36.53 -2.46 23.99
CA ASP B 249 37.48 -3.56 23.89
C ASP B 249 38.12 -3.64 22.50
N THR B 250 37.29 -3.56 21.44
CA THR B 250 37.82 -3.73 20.09
C THR B 250 38.73 -2.59 19.69
N TYR B 251 38.36 -1.36 20.04
CA TYR B 251 39.14 -0.16 19.72
C TYR B 251 39.59 0.46 21.04
N PRO B 252 40.76 0.08 21.55
CA PRO B 252 41.18 0.54 22.87
C PRO B 252 41.51 2.02 22.94
N SER B 253 42.34 2.51 22.03
CA SER B 253 42.86 3.86 22.14
C SER B 253 41.81 4.92 21.79
N TYR B 254 41.04 4.68 20.73
CA TYR B 254 40.25 5.75 20.14
C TYR B 254 39.04 6.14 20.99
N ILE B 255 38.30 5.15 21.48
CA ILE B 255 37.06 5.46 22.20
C ILE B 255 37.39 5.92 23.62
N SER B 256 36.72 6.99 24.04
CA SER B 256 36.91 7.56 25.37
C SER B 256 35.78 7.13 26.29
N PRO B 257 36.06 6.95 27.60
CA PRO B 257 35.00 6.49 28.51
C PRO B 257 33.80 7.41 28.60
N THR B 258 34.00 8.71 28.43
CA THR B 258 32.89 9.64 28.62
C THR B 258 32.36 10.19 27.30
N GLY B 259 33.21 10.26 26.28
CA GLY B 259 32.86 10.95 25.06
C GLY B 259 31.85 10.20 24.21
N CYS B 260 31.37 10.91 23.19
CA CYS B 260 30.42 10.33 22.25
C CYS B 260 31.11 9.35 21.32
N LEU B 261 30.34 8.42 20.78
CA LEU B 261 30.90 7.44 19.86
C LEU B 261 31.26 8.11 18.53
N PRO B 262 32.41 7.78 17.96
CA PRO B 262 32.77 8.35 16.66
C PRO B 262 31.82 7.88 15.56
N ALA B 263 31.68 8.71 14.53
CA ALA B 263 30.64 8.49 13.54
C ALA B 263 30.87 7.24 12.72
N HIS B 264 32.12 6.98 12.34
CA HIS B 264 32.38 5.99 11.31
C HIS B 264 32.47 4.55 11.82
N LEU B 265 32.15 4.30 13.08
CA LEU B 265 32.17 2.94 13.61
C LEU B 265 30.78 2.42 13.94
N LEU B 266 29.73 3.05 13.43
CA LEU B 266 28.37 2.72 13.83
C LEU B 266 27.76 1.58 13.04
N GLY B 267 28.46 1.05 12.04
CA GLY B 267 28.03 -0.14 11.34
C GLY B 267 27.48 0.10 9.95
N ASP B 268 27.15 1.34 9.59
CA ASP B 268 26.70 1.64 8.25
C ASP B 268 27.20 3.04 7.88
N MET B 269 26.89 3.42 6.63
CA MET B 269 27.47 4.65 6.09
C MET B 269 27.02 5.89 6.85
N TRP B 270 25.75 5.96 7.22
CA TRP B 270 25.21 7.14 7.86
C TRP B 270 24.82 6.94 9.32
N GLY B 271 24.92 5.73 9.84
CA GLY B 271 24.54 5.48 11.21
C GLY B 271 23.05 5.31 11.43
N ARG B 272 22.28 5.07 10.38
CA ARG B 272 20.84 4.94 10.52
C ARG B 272 20.46 3.73 11.37
N PHE B 273 21.10 2.59 11.11
CA PHE B 273 20.77 1.34 11.77
C PHE B 273 21.99 0.85 12.53
N TRP B 274 21.75 0.16 13.64
CA TRP B 274 22.81 -0.44 14.43
C TRP B 274 22.80 -1.96 14.37
N THR B 275 22.15 -2.53 13.35
CA THR B 275 21.95 -3.98 13.33
C THR B 275 23.25 -4.74 13.08
N ASN B 276 24.22 -4.10 12.42
CA ASN B 276 25.45 -4.79 12.09
C ASN B 276 26.41 -4.88 13.26
N LEU B 277 26.12 -4.22 14.37
CA LEU B 277 26.99 -4.25 15.53
C LEU B 277 26.72 -5.43 16.44
N TYR B 278 25.85 -6.35 16.03
CA TYR B 278 25.53 -7.50 16.89
C TYR B 278 26.75 -8.35 17.24
N PRO B 279 27.60 -8.78 16.30
CA PRO B 279 28.70 -9.67 16.69
C PRO B 279 29.60 -9.09 17.77
N LEU B 280 29.84 -7.78 17.75
CA LEU B 280 30.74 -7.18 18.72
C LEU B 280 30.08 -7.02 20.08
N THR B 281 28.75 -7.05 20.11
CA THR B 281 28.01 -6.68 21.32
C THR B 281 27.09 -7.80 21.81
N VAL B 282 27.37 -9.05 21.49
CA VAL B 282 26.52 -10.13 21.99
C VAL B 282 26.67 -10.22 23.50
N PRO B 283 25.58 -10.31 24.26
CA PRO B 283 25.75 -10.47 25.72
C PRO B 283 26.18 -11.88 26.11
N PHE B 284 25.70 -12.89 25.42
CA PHE B 284 26.00 -14.29 25.73
C PHE B 284 26.40 -14.99 24.44
N GLY B 285 27.70 -15.04 24.16
CA GLY B 285 28.14 -15.56 22.88
C GLY B 285 28.03 -17.07 22.77
N GLN B 286 28.03 -17.76 23.90
CA GLN B 286 28.02 -19.23 23.86
C GLN B 286 26.72 -19.78 23.28
N LYS B 287 25.58 -19.33 23.82
CA LYS B 287 24.30 -19.86 23.37
C LYS B 287 23.89 -19.22 22.04
N PRO B 288 23.50 -20.01 21.05
CA PRO B 288 23.21 -19.46 19.72
C PRO B 288 21.78 -19.03 19.53
N ASN B 289 21.55 -18.12 18.58
CA ASN B 289 20.21 -17.65 18.27
C ASN B 289 19.42 -18.72 17.54
N ILE B 290 18.10 -18.58 17.57
CA ILE B 290 17.21 -19.60 17.00
C ILE B 290 17.15 -19.41 15.49
N ASP B 291 17.47 -20.47 14.76
CA ASP B 291 17.37 -20.50 13.30
C ASP B 291 16.84 -21.86 12.89
N VAL B 292 15.86 -21.87 11.99
CA VAL B 292 15.23 -23.12 11.58
C VAL B 292 15.41 -23.38 10.09
N THR B 293 16.49 -22.87 9.48
CA THR B 293 16.78 -23.18 8.09
C THR B 293 17.04 -24.67 7.89
N ASN B 294 17.87 -25.25 8.75
CA ASN B 294 18.25 -26.66 8.58
C ASN B 294 17.05 -27.57 8.72
N ALA B 295 16.15 -27.26 9.66
CA ALA B 295 14.93 -28.05 9.78
C ALA B 295 14.08 -27.93 8.52
N MET B 296 14.09 -26.77 7.88
CA MET B 296 13.35 -26.59 6.64
C MET B 296 13.91 -27.46 5.53
N VAL B 297 15.24 -27.49 5.40
CA VAL B 297 15.84 -28.33 4.36
C VAL B 297 15.63 -29.81 4.67
N ASN B 298 15.58 -30.16 5.96
CA ASN B 298 15.36 -31.54 6.36
C ASN B 298 14.03 -32.09 5.84
N GLN B 299 12.99 -31.27 5.86
CA GLN B 299 11.65 -31.72 5.52
C GLN B 299 11.30 -31.48 4.05
N SER B 300 12.27 -31.05 3.25
CA SER B 300 12.08 -30.89 1.80
C SER B 300 10.97 -29.89 1.49
N TRP B 301 11.08 -28.68 2.02
CA TRP B 301 10.10 -27.65 1.75
C TRP B 301 10.44 -26.90 0.47
N ASP B 302 9.45 -26.21 -0.09
CA ASP B 302 9.60 -25.45 -1.31
C ASP B 302 8.90 -24.12 -1.09
N ALA B 303 9.07 -23.18 -2.03
CA ALA B 303 8.52 -21.84 -1.86
C ALA B 303 7.00 -21.81 -1.72
N ARG B 304 6.30 -22.62 -2.51
CA ARG B 304 4.86 -22.71 -2.38
C ARG B 304 4.48 -23.24 -1.01
N LYS B 305 5.32 -24.09 -0.44
CA LYS B 305 5.08 -24.55 0.93
C LYS B 305 5.14 -23.34 1.86
N ILE B 306 6.12 -22.47 1.64
CA ILE B 306 6.23 -21.26 2.47
C ILE B 306 4.98 -20.40 2.39
N PHE B 307 4.54 -20.11 1.17
CA PHE B 307 3.37 -19.25 1.04
C PHE B 307 2.11 -19.92 1.53
N LYS B 308 2.00 -21.24 1.38
CA LYS B 308 0.83 -21.93 1.87
C LYS B 308 0.75 -21.89 3.39
N GLU B 309 1.88 -22.04 4.07
CA GLU B 309 1.89 -21.92 5.53
C GLU B 309 1.51 -20.51 5.96
N ALA B 310 2.01 -19.49 5.26
CA ALA B 310 1.63 -18.13 5.63
C ALA B 310 0.13 -17.89 5.43
N GLU B 311 -0.42 -18.40 4.32
CA GLU B 311 -1.85 -18.28 4.10
C GLU B 311 -2.62 -19.01 5.19
N LYS B 312 -2.11 -20.15 5.64
CA LYS B 312 -2.76 -20.90 6.71
C LYS B 312 -2.82 -20.07 7.98
N PHE B 313 -1.73 -19.39 8.31
CA PHE B 313 -1.75 -18.52 9.49
C PHE B 313 -2.79 -17.42 9.34
N PHE B 314 -2.85 -16.80 8.17
CA PHE B 314 -3.77 -15.69 7.98
C PHE B 314 -5.23 -16.15 8.02
N VAL B 315 -5.51 -17.38 7.58
CA VAL B 315 -6.90 -17.83 7.68
C VAL B 315 -7.20 -18.27 9.11
N SER B 316 -6.18 -18.72 9.84
CA SER B 316 -6.37 -19.05 11.24
C SER B 316 -6.78 -17.82 12.04
N VAL B 317 -6.17 -16.67 11.78
CA VAL B 317 -6.55 -15.49 12.56
C VAL B 317 -7.98 -15.04 12.22
N GLY B 318 -8.38 -15.13 10.96
CA GLY B 318 -9.76 -14.84 10.61
C GLY B 318 -10.00 -14.17 9.28
N LEU B 319 -8.94 -13.71 8.63
CA LEU B 319 -9.05 -13.05 7.35
C LEU B 319 -9.30 -14.06 6.24
N PRO B 320 -9.78 -13.61 5.07
CA PRO B 320 -10.15 -14.57 4.01
C PRO B 320 -8.95 -15.26 3.40
N ASN B 321 -9.22 -16.18 2.48
CA ASN B 321 -8.16 -16.86 1.77
C ASN B 321 -7.78 -15.94 0.64
N MET B 322 -6.79 -16.32 -0.14
CA MET B 322 -6.34 -15.43 -1.19
C MET B 322 -6.79 -15.96 -2.55
N THR B 323 -6.97 -15.02 -3.49
CA THR B 323 -7.68 -15.31 -4.72
C THR B 323 -6.90 -16.27 -5.62
N GLN B 324 -7.62 -16.88 -6.56
CA GLN B 324 -7.02 -17.85 -7.46
C GLN B 324 -6.06 -17.17 -8.43
N GLY B 325 -6.38 -15.96 -8.86
CA GLY B 325 -5.48 -15.24 -9.75
C GLY B 325 -4.11 -15.02 -9.14
N PHE B 326 -4.06 -14.89 -7.81
CA PHE B 326 -2.77 -14.78 -7.13
C PHE B 326 -1.90 -15.99 -7.41
N TRP B 327 -2.44 -17.18 -7.24
CA TRP B 327 -1.67 -18.39 -7.49
C TRP B 327 -1.36 -18.55 -8.98
N GLU B 328 -2.28 -18.12 -9.84
CA GLU B 328 -2.08 -18.33 -11.27
C GLU B 328 -1.02 -17.40 -11.85
N ASN B 329 -1.00 -16.13 -11.44
CA ASN B 329 -0.22 -15.12 -12.14
C ASN B 329 1.04 -14.66 -11.41
N SER B 330 1.11 -14.78 -10.09
CA SER B 330 2.23 -14.21 -9.36
C SER B 330 3.51 -15.02 -9.58
N MET B 331 4.63 -14.33 -9.57
CA MET B 331 5.94 -14.96 -9.65
C MET B 331 6.43 -15.22 -8.23
N LEU B 332 6.69 -16.48 -7.92
CA LEU B 332 7.06 -16.87 -6.57
C LEU B 332 8.49 -17.40 -6.47
N THR B 333 9.21 -17.49 -7.59
CA THR B 333 10.58 -17.98 -7.58
C THR B 333 11.37 -17.25 -8.65
N GLU B 334 12.68 -17.20 -8.46
CA GLU B 334 13.54 -16.54 -9.42
C GLU B 334 13.60 -17.41 -10.68
N PRO B 335 13.26 -16.86 -11.84
CA PRO B 335 13.11 -17.71 -13.02
C PRO B 335 14.43 -18.00 -13.73
N SER B 336 14.49 -19.15 -14.37
CA SER B 336 15.71 -19.54 -15.09
C SER B 336 15.91 -18.78 -16.39
N ASP B 337 16.06 -19.50 -17.50
CA ASP B 337 16.27 -18.88 -18.82
C ASP B 337 17.12 -17.63 -19.00
N SER B 338 16.84 -16.86 -20.03
CA SER B 338 17.56 -15.63 -20.35
C SER B 338 16.85 -14.50 -19.63
N ARG B 339 15.63 -14.73 -19.16
CA ARG B 339 14.86 -13.65 -18.55
C ARG B 339 15.59 -13.06 -17.34
N LYS B 340 15.62 -11.73 -17.28
CA LYS B 340 16.29 -11.00 -16.22
C LYS B 340 15.26 -10.27 -15.36
N VAL B 341 15.37 -10.42 -14.05
CA VAL B 341 14.38 -9.90 -13.12
C VAL B 341 15.10 -9.21 -11.96
N VAL B 342 14.56 -8.07 -11.55
CA VAL B 342 15.02 -7.35 -10.37
C VAL B 342 14.61 -8.12 -9.13
N CYS B 343 15.51 -8.20 -8.15
CA CYS B 343 15.35 -9.11 -7.02
C CYS B 343 14.74 -8.44 -5.78
N HIS B 344 14.35 -7.18 -5.86
CA HIS B 344 13.78 -6.51 -4.70
C HIS B 344 12.36 -7.01 -4.44
N PRO B 345 12.07 -7.47 -3.21
CA PRO B 345 10.71 -7.94 -2.90
C PRO B 345 9.71 -6.79 -2.94
N THR B 346 8.47 -7.11 -3.32
CA THR B 346 7.43 -6.11 -3.45
C THR B 346 6.06 -6.78 -3.52
N ALA B 347 5.02 -5.99 -3.27
CA ALA B 347 3.64 -6.43 -3.36
C ALA B 347 2.88 -5.46 -4.26
N TRP B 348 2.04 -6.00 -5.15
CA TRP B 348 1.39 -5.21 -6.19
C TRP B 348 -0.12 -5.33 -6.06
N ASP B 349 -0.81 -4.23 -6.30
CA ASP B 349 -2.26 -4.19 -6.37
C ASP B 349 -2.55 -3.48 -7.69
N LEU B 350 -2.69 -4.25 -8.76
CA LEU B 350 -2.84 -3.67 -10.09
C LEU B 350 -4.12 -2.87 -10.20
N GLY B 351 -5.19 -3.37 -9.60
CA GLY B 351 -6.51 -2.80 -9.75
C GLY B 351 -7.44 -3.75 -10.47
N LYS B 352 -8.74 -3.48 -10.31
CA LYS B 352 -9.80 -4.25 -10.94
C LYS B 352 -9.70 -5.74 -10.54
N GLY B 353 -9.40 -5.99 -9.28
CA GLY B 353 -9.48 -7.32 -8.72
C GLY B 353 -8.27 -8.20 -8.89
N ASP B 354 -7.13 -7.65 -9.28
CA ASP B 354 -5.93 -8.43 -9.53
C ASP B 354 -4.90 -8.12 -8.45
N PHE B 355 -4.38 -9.17 -7.81
CA PHE B 355 -3.37 -9.04 -6.77
C PHE B 355 -2.27 -10.04 -7.02
N ARG B 356 -1.02 -9.58 -7.06
CA ARG B 356 0.13 -10.43 -7.32
C ARG B 356 1.26 -10.06 -6.37
N ILE B 357 2.13 -11.04 -6.11
CA ILE B 357 3.31 -10.86 -5.26
C ILE B 357 4.53 -11.34 -6.03
N LYS B 358 5.57 -10.52 -6.09
CA LYS B 358 6.80 -10.85 -6.79
C LYS B 358 7.95 -10.86 -5.81
N MET B 359 8.63 -11.99 -5.71
CA MET B 359 9.85 -12.08 -4.92
C MET B 359 10.53 -13.40 -5.23
N CYS B 360 11.86 -13.37 -5.24
CA CYS B 360 12.68 -14.56 -5.43
C CYS B 360 12.85 -15.23 -4.07
N THR B 361 12.21 -16.38 -3.89
CA THR B 361 12.14 -17.04 -2.60
C THR B 361 13.17 -18.15 -2.52
N LYS B 362 14.02 -18.08 -1.51
CA LYS B 362 14.95 -19.14 -1.16
C LYS B 362 14.54 -19.73 0.17
N VAL B 363 15.18 -20.84 0.54
CA VAL B 363 14.82 -21.51 1.78
C VAL B 363 15.61 -20.93 2.94
N THR B 364 15.05 -19.93 3.61
CA THR B 364 15.67 -19.29 4.77
C THR B 364 14.58 -18.75 5.67
N MET B 365 14.96 -18.44 6.92
CA MET B 365 14.02 -17.80 7.84
C MET B 365 13.63 -16.41 7.35
N ASP B 366 14.60 -15.68 6.80
CA ASP B 366 14.33 -14.33 6.33
C ASP B 366 13.25 -14.34 5.24
N ASP B 367 13.33 -15.31 4.33
CA ASP B 367 12.30 -15.42 3.31
C ASP B 367 10.93 -15.70 3.92
N PHE B 368 10.89 -16.53 4.96
CA PHE B 368 9.65 -16.82 5.67
C PHE B 368 9.03 -15.53 6.21
N LEU B 369 9.82 -14.75 6.94
CA LEU B 369 9.31 -13.52 7.54
C LEU B 369 8.89 -12.52 6.46
N THR B 370 9.68 -12.41 5.39
CA THR B 370 9.36 -11.47 4.32
C THR B 370 8.06 -11.86 3.63
N ALA B 371 7.84 -13.16 3.43
CA ALA B 371 6.59 -13.61 2.86
C ALA B 371 5.42 -13.22 3.74
N HIS B 372 5.56 -13.37 5.06
CA HIS B 372 4.50 -12.93 5.96
C HIS B 372 4.22 -11.44 5.80
N HIS B 373 5.28 -10.64 5.75
CA HIS B 373 5.13 -9.19 5.62
C HIS B 373 4.37 -8.81 4.34
N GLU B 374 4.79 -9.39 3.22
CA GLU B 374 4.15 -9.07 1.95
C GLU B 374 2.68 -9.49 1.89
N MET B 375 2.36 -10.64 2.43
CA MET B 375 1.00 -11.11 2.33
C MET B 375 0.15 -10.21 3.15
N GLY B 376 0.77 -9.61 4.16
CA GLY B 376 0.06 -8.70 5.01
C GLY B 376 -0.35 -7.47 4.26
N HIS B 377 0.54 -6.95 3.44
CA HIS B 377 0.22 -5.80 2.65
C HIS B 377 -0.91 -6.23 1.77
N ILE B 378 -0.81 -7.42 1.18
CA ILE B 378 -1.84 -7.79 0.22
C ILE B 378 -3.20 -7.88 0.91
N GLN B 379 -3.22 -8.36 2.17
CA GLN B 379 -4.48 -8.43 2.88
C GLN B 379 -5.08 -7.04 3.09
N TYR B 380 -4.26 -6.07 3.46
CA TYR B 380 -4.76 -4.70 3.58
C TYR B 380 -5.36 -4.23 2.26
N ASP B 381 -4.62 -4.45 1.17
CA ASP B 381 -5.12 -3.99 -0.13
C ASP B 381 -6.44 -4.65 -0.48
N MET B 382 -6.58 -5.94 -0.21
CA MET B 382 -7.81 -6.64 -0.52
C MET B 382 -8.96 -6.12 0.32
N ALA B 383 -8.71 -5.82 1.59
CA ALA B 383 -9.78 -5.36 2.46
C ALA B 383 -10.48 -4.06 2.07
N TYR B 384 -9.72 -3.02 1.74
CA TYR B 384 -10.37 -1.73 1.49
C TYR B 384 -10.68 -1.45 -0.03
N ALA B 385 -10.99 -2.55 -0.74
CA ALA B 385 -11.06 -2.49 -2.19
C ALA B 385 -12.46 -1.92 -2.45
N ALA B 386 -13.39 -2.10 -1.53
CA ALA B 386 -14.79 -1.78 -1.81
C ALA B 386 -15.03 -0.29 -1.98
N GLN B 387 -14.23 0.54 -1.30
CA GLN B 387 -14.48 1.98 -1.27
C GLN B 387 -14.21 2.62 -2.63
N PRO B 388 -14.73 3.83 -2.87
CA PRO B 388 -14.47 4.50 -4.14
C PRO B 388 -13.00 4.67 -4.45
N PHE B 389 -12.71 4.97 -5.72
CA PHE B 389 -11.34 4.93 -6.22
C PHE B 389 -10.44 5.92 -5.50
N LEU B 390 -10.90 7.15 -5.32
CA LEU B 390 -10.02 8.19 -4.79
C LEU B 390 -9.67 7.93 -3.33
N LEU B 391 -10.41 7.05 -2.66
CA LEU B 391 -10.18 6.76 -1.26
C LEU B 391 -9.49 5.42 -1.03
N ARG B 392 -8.96 4.79 -2.07
CA ARG B 392 -8.33 3.47 -1.96
C ARG B 392 -6.87 3.64 -1.54
N ASN B 393 -6.66 3.81 -0.24
CA ASN B 393 -5.33 3.93 0.34
C ASN B 393 -5.46 3.80 1.84
N GLY B 394 -4.32 3.86 2.52
CA GLY B 394 -4.32 3.75 3.96
C GLY B 394 -4.77 5.02 4.63
N ALA B 395 -4.92 4.94 5.96
CA ALA B 395 -5.31 6.12 6.73
C ALA B 395 -4.25 7.20 6.64
N ASN B 396 -2.99 6.83 6.77
CA ASN B 396 -1.86 7.71 6.52
C ASN B 396 -0.70 6.84 6.04
N GLU B 397 0.51 7.41 6.06
CA GLU B 397 1.65 6.66 5.55
C GLU B 397 1.98 5.46 6.43
N GLY B 398 1.97 5.64 7.75
CA GLY B 398 2.56 4.64 8.62
C GLY B 398 1.73 3.38 8.77
N PHE B 399 0.42 3.48 8.54
CA PHE B 399 -0.47 2.35 8.80
C PHE B 399 -0.11 1.15 7.94
N HIS B 400 0.24 1.39 6.68
CA HIS B 400 0.44 0.30 5.74
C HIS B 400 1.61 -0.56 6.16
N GLU B 401 2.70 0.06 6.64
CA GLU B 401 3.84 -0.71 7.10
C GLU B 401 3.59 -1.32 8.47
N ALA B 402 2.86 -0.61 9.34
CA ALA B 402 2.62 -1.13 10.68
C ALA B 402 1.83 -2.43 10.62
N VAL B 403 0.81 -2.47 9.77
CA VAL B 403 -0.03 -3.66 9.68
C VAL B 403 0.81 -4.86 9.27
N GLY B 404 1.74 -4.67 8.35
CA GLY B 404 2.63 -5.75 7.96
C GLY B 404 3.55 -6.17 9.09
N GLU B 405 4.06 -5.20 9.85
CA GLU B 405 5.02 -5.53 10.91
C GLU B 405 4.37 -6.39 12.00
N ILE B 406 3.10 -6.14 12.30
CA ILE B 406 2.45 -6.92 13.36
C ILE B 406 2.52 -8.41 13.06
N MET B 407 2.24 -8.79 11.82
CA MET B 407 2.19 -10.21 11.47
C MET B 407 3.56 -10.86 11.61
N SER B 408 4.61 -10.19 11.17
CA SER B 408 5.95 -10.76 11.30
C SER B 408 6.33 -10.92 12.77
N LEU B 409 6.05 -9.90 13.58
CA LEU B 409 6.37 -10.01 15.00
C LEU B 409 5.64 -11.19 15.63
N SER B 410 4.37 -11.39 15.25
CA SER B 410 3.62 -12.50 15.81
C SER B 410 4.13 -13.84 15.29
N ALA B 411 4.64 -13.87 14.06
CA ALA B 411 5.06 -15.14 13.47
C ALA B 411 6.40 -15.61 14.04
N ALA B 412 7.26 -14.68 14.44
CA ALA B 412 8.61 -15.05 14.84
C ALA B 412 8.68 -15.77 16.19
N THR B 413 7.59 -15.88 16.93
CA THR B 413 7.66 -16.36 18.30
C THR B 413 8.02 -17.85 18.32
N PRO B 414 8.69 -18.31 19.38
CA PRO B 414 8.98 -19.75 19.49
C PRO B 414 7.75 -20.63 19.55
N ASN B 415 6.66 -20.15 20.16
CA ASN B 415 5.46 -20.98 20.30
C ASN B 415 4.88 -21.34 18.94
N HIS B 416 4.79 -20.37 18.04
CA HIS B 416 4.26 -20.64 16.71
C HIS B 416 5.14 -21.64 15.97
N LEU B 417 6.47 -21.48 16.07
CA LEU B 417 7.37 -22.41 15.41
C LEU B 417 7.22 -23.81 15.97
N LYS B 418 7.00 -23.94 17.27
CA LYS B 418 6.74 -25.25 17.85
C LYS B 418 5.42 -25.82 17.33
N ASN B 419 4.41 -24.98 17.18
CA ASN B 419 3.11 -25.47 16.74
C ASN B 419 3.15 -25.96 15.31
N ILE B 420 3.81 -25.23 14.41
CA ILE B 420 3.79 -25.63 13.00
C ILE B 420 4.57 -26.91 12.78
N GLY B 421 5.65 -27.11 13.54
CA GLY B 421 6.41 -28.34 13.48
C GLY B 421 7.88 -28.20 13.16
N LEU B 422 8.42 -26.98 13.11
CA LEU B 422 9.83 -26.82 12.79
C LEU B 422 10.73 -27.18 13.96
N LEU B 423 10.31 -26.84 15.19
CA LEU B 423 11.18 -27.09 16.33
C LEU B 423 10.73 -28.32 17.11
N PRO B 424 11.67 -29.05 17.71
CA PRO B 424 11.31 -30.22 18.51
C PRO B 424 10.46 -29.84 19.72
N PRO B 425 9.50 -30.68 20.10
CA PRO B 425 8.64 -30.35 21.25
C PRO B 425 9.40 -30.19 22.56
N SER B 426 10.45 -30.97 22.76
CA SER B 426 11.18 -30.94 24.02
C SER B 426 11.94 -29.65 24.24
N PHE B 427 12.13 -28.86 23.18
CA PHE B 427 12.87 -27.60 23.29
C PHE B 427 12.07 -26.65 24.18
N PHE B 428 12.77 -25.98 25.08
CA PHE B 428 12.17 -24.99 25.97
C PHE B 428 13.06 -23.77 25.99
N GLU B 429 12.50 -22.62 26.34
CA GLU B 429 13.24 -21.37 26.26
C GLU B 429 14.05 -21.02 27.50
N ASP B 430 15.18 -20.36 27.30
CA ASP B 430 16.08 -19.99 28.38
C ASP B 430 16.28 -18.48 28.37
N SER B 431 16.44 -17.91 29.57
CA SER B 431 16.43 -16.45 29.72
C SER B 431 17.52 -15.79 28.91
N GLU B 432 18.66 -16.46 28.75
CA GLU B 432 19.75 -15.89 27.97
C GLU B 432 19.32 -15.64 26.52
N THR B 433 18.59 -16.60 25.95
CA THR B 433 18.12 -16.45 24.57
C THR B 433 17.16 -15.28 24.44
N GLU B 434 16.25 -15.12 25.40
CA GLU B 434 15.33 -13.98 25.36
C GLU B 434 16.07 -12.67 25.45
N ILE B 435 17.08 -12.59 26.32
CA ILE B 435 17.85 -11.35 26.43
C ILE B 435 18.55 -11.05 25.11
N ASN B 436 19.13 -12.07 24.49
CA ASN B 436 19.81 -11.86 23.20
C ASN B 436 18.83 -11.38 22.14
N PHE B 437 17.65 -12.01 22.08
CA PHE B 437 16.66 -11.60 21.09
C PHE B 437 16.22 -10.16 21.31
N LEU B 438 15.99 -9.79 22.58
CA LEU B 438 15.58 -8.43 22.88
C LEU B 438 16.64 -7.42 22.49
N LEU B 439 17.91 -7.73 22.76
CA LEU B 439 18.97 -6.80 22.39
C LEU B 439 19.06 -6.65 20.87
N LYS B 440 18.95 -7.76 20.15
CA LYS B 440 19.01 -7.67 18.69
C LYS B 440 17.88 -6.84 18.14
N GLN B 441 16.67 -7.03 18.66
CA GLN B 441 15.54 -6.23 18.19
C GLN B 441 15.74 -4.75 18.56
N ALA B 442 16.27 -4.50 19.76
CA ALA B 442 16.44 -3.12 20.21
C ALA B 442 17.43 -2.37 19.34
N LEU B 443 18.54 -3.02 18.98
CA LEU B 443 19.55 -2.35 18.18
C LEU B 443 18.97 -1.84 16.86
N THR B 444 17.93 -2.50 16.36
CA THR B 444 17.32 -2.04 15.11
C THR B 444 16.23 -1.02 15.36
N ILE B 445 15.37 -1.27 16.34
CA ILE B 445 14.17 -0.44 16.51
C ILE B 445 14.47 0.84 17.29
N VAL B 446 15.10 0.72 18.47
CA VAL B 446 15.28 1.89 19.32
C VAL B 446 16.30 2.85 18.72
N GLY B 447 17.36 2.32 18.12
CA GLY B 447 18.44 3.17 17.66
C GLY B 447 18.04 4.10 16.54
N THR B 448 17.05 3.70 15.73
CA THR B 448 16.74 4.49 14.54
C THR B 448 15.94 5.74 14.88
N LEU B 449 15.28 5.78 16.04
CA LEU B 449 14.43 6.93 16.34
C LEU B 449 15.19 8.25 16.45
N PRO B 450 16.28 8.35 17.21
CA PRO B 450 16.98 9.65 17.29
C PRO B 450 17.46 10.15 15.94
N PHE B 451 17.93 9.26 15.08
CA PHE B 451 18.44 9.67 13.77
C PHE B 451 17.34 10.32 12.94
N THR B 452 16.19 9.65 12.84
CA THR B 452 15.09 10.20 12.06
C THR B 452 14.59 11.50 12.65
N TYR B 453 14.46 11.56 13.99
CA TYR B 453 14.00 12.78 14.62
C TYR B 453 14.92 13.95 14.31
N MET B 454 16.23 13.75 14.44
CA MET B 454 17.16 14.84 14.19
C MET B 454 17.15 15.27 12.74
N LEU B 455 17.09 14.31 11.81
CA LEU B 455 17.09 14.68 10.40
C LEU B 455 15.86 15.49 10.05
N GLU B 456 14.69 15.07 10.54
CA GLU B 456 13.47 15.83 10.28
C GLU B 456 13.54 17.22 10.87
N LYS B 457 14.05 17.35 12.10
CA LYS B 457 14.13 18.68 12.71
C LYS B 457 15.05 19.59 11.91
N TRP B 458 16.20 19.07 11.48
CA TRP B 458 17.11 19.89 10.68
C TRP B 458 16.45 20.35 9.39
N ARG B 459 15.78 19.45 8.69
CA ARG B 459 15.14 19.84 7.44
C ARG B 459 14.06 20.88 7.67
N TRP B 460 13.25 20.71 8.72
CA TRP B 460 12.20 21.68 8.99
C TRP B 460 12.77 23.05 9.29
N MET B 461 13.83 23.11 10.11
CA MET B 461 14.42 24.40 10.45
C MET B 461 15.05 25.04 9.23
N VAL B 462 15.68 24.25 8.36
CA VAL B 462 16.28 24.81 7.15
C VAL B 462 15.21 25.40 6.25
N PHE B 463 14.10 24.68 6.08
CA PHE B 463 13.03 25.21 5.23
C PHE B 463 12.39 26.49 5.73
N LYS B 464 12.16 26.58 7.04
CA LYS B 464 11.46 27.74 7.58
C LYS B 464 12.29 29.02 7.51
N GLY B 465 13.60 28.89 7.52
CA GLY B 465 14.50 30.02 7.57
C GLY B 465 15.09 30.41 8.91
N GLU B 466 14.85 29.63 9.95
CA GLU B 466 15.44 29.93 11.26
C GLU B 466 16.95 29.74 11.23
N ILE B 467 17.44 28.75 10.51
CA ILE B 467 18.86 28.46 10.41
C ILE B 467 19.42 29.22 9.23
N PRO B 468 20.28 30.21 9.43
CA PRO B 468 20.82 30.95 8.29
C PRO B 468 21.74 30.09 7.44
N LYS B 469 21.96 30.55 6.21
CA LYS B 469 22.68 29.75 5.23
C LYS B 469 24.14 29.55 5.61
N ASP B 470 24.67 30.42 6.48
CA ASP B 470 26.10 30.38 6.78
C ASP B 470 26.45 29.28 7.77
N GLN B 471 25.50 28.90 8.64
CA GLN B 471 25.80 28.02 9.76
C GLN B 471 25.12 26.66 9.65
N TRP B 472 24.85 26.19 8.42
CA TRP B 472 24.15 24.93 8.25
C TRP B 472 24.90 23.79 8.91
N MET B 473 26.21 23.68 8.63
CA MET B 473 26.97 22.54 9.14
C MET B 473 27.25 22.71 10.61
N LYS B 474 27.48 23.93 11.06
CA LYS B 474 27.66 24.15 12.48
C LYS B 474 26.43 23.66 13.24
N THR B 475 25.25 24.05 12.79
CA THR B 475 24.02 23.57 13.42
C THR B 475 23.84 22.06 13.31
N TRP B 476 24.15 21.49 12.14
CA TRP B 476 23.98 20.05 11.95
C TRP B 476 24.79 19.25 12.96
N TRP B 477 26.07 19.57 13.09
CA TRP B 477 26.92 18.77 13.96
C TRP B 477 26.64 19.07 15.44
N GLU B 478 26.27 20.31 15.76
CA GLU B 478 25.86 20.61 17.11
C GLU B 478 24.62 19.80 17.50
N MET B 479 23.64 19.72 16.59
CA MET B 479 22.45 18.93 16.86
C MET B 479 22.79 17.47 17.01
N LYS B 480 23.68 16.95 16.15
CA LYS B 480 24.09 15.56 16.28
C LYS B 480 24.69 15.29 17.66
N ARG B 481 25.61 16.15 18.09
CA ARG B 481 26.25 15.96 19.38
C ARG B 481 25.25 16.03 20.52
N ASN B 482 24.33 16.99 20.45
CA ASN B 482 23.42 17.20 21.57
C ASN B 482 22.37 16.11 21.68
N ILE B 483 21.86 15.62 20.54
CA ILE B 483 20.74 14.70 20.54
C ILE B 483 21.19 13.25 20.39
N VAL B 484 21.90 12.94 19.30
CA VAL B 484 22.21 11.54 18.99
C VAL B 484 23.38 10.99 19.79
N GLY B 485 24.43 11.78 19.99
CA GLY B 485 25.61 11.28 20.68
C GLY B 485 26.67 10.75 19.74
N VAL B 486 26.96 11.47 18.67
CA VAL B 486 27.92 11.07 17.66
C VAL B 486 28.80 12.26 17.31
N VAL B 487 30.11 12.04 17.24
CA VAL B 487 31.08 13.10 17.00
C VAL B 487 31.79 12.85 15.68
N GLU B 488 32.05 13.92 14.94
CA GLU B 488 32.64 13.79 13.61
C GLU B 488 34.11 13.42 13.71
N PRO B 489 34.63 12.60 12.79
CA PRO B 489 36.07 12.29 12.84
C PRO B 489 36.95 13.42 12.37
N VAL B 490 36.58 14.07 11.27
CA VAL B 490 37.39 15.13 10.68
C VAL B 490 36.55 16.41 10.61
N PRO B 491 37.09 17.56 11.05
CA PRO B 491 36.30 18.79 11.00
C PRO B 491 35.88 19.14 9.58
N HIS B 492 34.66 19.64 9.45
CA HIS B 492 34.03 19.88 8.15
C HIS B 492 33.72 21.35 8.00
N ASP B 493 34.08 21.91 6.85
CA ASP B 493 33.85 23.31 6.54
C ASP B 493 32.46 23.49 5.92
N GLU B 494 32.14 24.74 5.56
CA GLU B 494 30.82 25.03 5.01
C GLU B 494 30.66 24.55 3.57
N THR B 495 31.74 24.13 2.92
CA THR B 495 31.63 23.67 1.54
C THR B 495 30.90 22.33 1.45
N TYR B 496 31.05 21.49 2.47
CA TYR B 496 30.45 20.16 2.43
C TYR B 496 28.93 20.24 2.61
N CYS B 497 28.24 19.20 2.14
CA CYS B 497 26.80 19.01 2.36
C CYS B 497 26.57 17.55 2.75
N ASP B 498 26.72 17.27 4.03
CA ASP B 498 26.56 15.92 4.54
C ASP B 498 25.15 15.36 4.41
N PRO B 499 24.08 16.09 4.77
CA PRO B 499 22.75 15.47 4.71
C PRO B 499 22.36 14.99 3.32
N ALA B 500 22.91 15.60 2.27
CA ALA B 500 22.58 15.18 0.92
C ALA B 500 23.12 13.79 0.59
N SER B 501 24.00 13.25 1.43
CA SER B 501 24.55 11.93 1.15
C SER B 501 23.49 10.84 1.26
N LEU B 502 22.49 11.05 2.11
CA LEU B 502 21.43 10.07 2.28
C LEU B 502 20.59 9.98 1.01
N PHE B 503 20.08 8.78 0.74
CA PHE B 503 19.29 8.55 -0.46
C PHE B 503 18.00 9.35 -0.44
N HIS B 504 17.36 9.43 0.72
CA HIS B 504 16.03 10.04 0.79
C HIS B 504 16.10 11.55 0.54
N VAL B 505 17.16 12.21 1.03
CA VAL B 505 17.24 13.65 0.90
C VAL B 505 17.40 14.06 -0.56
N ALA B 506 18.16 13.29 -1.33
CA ALA B 506 18.41 13.67 -2.71
C ALA B 506 17.20 13.41 -3.60
N ASN B 507 16.34 12.46 -3.22
CA ASN B 507 15.23 12.06 -4.06
C ASN B 507 13.88 12.63 -3.63
N ASP B 508 13.87 13.55 -2.67
CA ASP B 508 12.67 14.25 -2.24
C ASP B 508 11.59 13.30 -1.72
N TYR B 509 11.88 12.65 -0.59
CA TYR B 509 10.88 11.96 0.19
C TYR B 509 10.91 12.46 1.63
N SER B 510 9.77 12.41 2.30
CA SER B 510 9.70 12.74 3.71
C SER B 510 10.29 11.59 4.53
N PHE B 511 10.58 11.86 5.81
CA PHE B 511 11.21 10.85 6.65
C PHE B 511 10.48 10.59 7.97
N ILE B 512 9.48 11.39 8.33
CA ILE B 512 8.82 11.21 9.61
C ILE B 512 7.96 9.95 9.64
N ARG B 513 7.72 9.36 8.47
CA ARG B 513 6.84 8.20 8.40
C ARG B 513 7.39 7.05 9.22
N TYR B 514 8.72 6.91 9.28
CA TYR B 514 9.31 5.82 10.04
C TYR B 514 9.06 5.97 11.53
N TYR B 515 9.22 7.19 12.06
CA TYR B 515 8.93 7.45 13.47
C TYR B 515 7.47 7.12 13.78
N THR B 516 6.57 7.61 12.93
CA THR B 516 5.15 7.38 13.14
C THR B 516 4.82 5.87 13.13
N ARG B 517 5.37 5.14 12.16
CA ARG B 517 5.09 3.72 12.06
C ARG B 517 5.61 2.96 13.26
N THR B 518 6.84 3.26 13.67
CA THR B 518 7.41 2.57 14.82
C THR B 518 6.60 2.83 16.07
N ILE B 519 6.01 4.01 16.18
CA ILE B 519 5.16 4.27 17.34
C ILE B 519 3.87 3.45 17.27
N TYR B 520 3.22 3.43 16.10
CA TYR B 520 1.88 2.82 16.05
C TYR B 520 1.94 1.29 16.14
N GLN B 521 3.04 0.70 15.71
CA GLN B 521 3.10 -0.76 15.62
C GLN B 521 2.86 -1.41 16.98
N PHE B 522 3.53 -0.91 18.01
CA PHE B 522 3.45 -1.57 19.31
C PHE B 522 2.12 -1.27 19.99
N GLN B 523 1.52 -0.11 19.69
CA GLN B 523 0.17 0.14 20.17
C GLN B 523 -0.81 -0.89 19.61
N PHE B 524 -0.73 -1.15 18.31
CA PHE B 524 -1.61 -2.17 17.72
C PHE B 524 -1.38 -3.53 18.35
N GLN B 525 -0.10 -3.91 18.52
CA GLN B 525 0.19 -5.22 19.10
C GLN B 525 -0.34 -5.33 20.52
N GLU B 526 -0.16 -4.27 21.32
CA GLU B 526 -0.62 -4.29 22.70
C GLU B 526 -2.12 -4.48 22.75
N ALA B 527 -2.85 -3.74 21.93
CA ALA B 527 -4.31 -3.87 21.93
C ALA B 527 -4.75 -5.27 21.54
N LEU B 528 -4.19 -5.80 20.45
CA LEU B 528 -4.62 -7.12 20.00
C LEU B 528 -4.28 -8.19 21.02
N CYS B 529 -3.11 -8.10 21.65
CA CYS B 529 -2.73 -9.07 22.67
C CYS B 529 -3.65 -8.98 23.88
N GLN B 530 -4.07 -7.76 24.23
CA GLN B 530 -5.03 -7.59 25.31
C GLN B 530 -6.32 -8.32 24.97
N ILE B 531 -6.80 -8.17 23.75
CA ILE B 531 -8.06 -8.82 23.36
C ILE B 531 -7.93 -10.34 23.43
N ALA B 532 -6.76 -10.87 23.08
CA ALA B 532 -6.57 -12.30 22.92
C ALA B 532 -6.27 -13.04 24.21
N LYS B 533 -6.29 -12.35 25.36
CA LYS B 533 -6.10 -12.97 26.67
C LYS B 533 -4.73 -13.64 26.78
N HIS B 534 -3.68 -12.84 26.69
CA HIS B 534 -2.32 -13.34 26.88
C HIS B 534 -1.79 -12.93 28.25
N GLU B 535 -1.09 -13.85 28.90
CA GLU B 535 -0.53 -13.62 30.22
C GLU B 535 0.99 -13.75 30.14
N GLY B 536 1.70 -12.73 30.63
CA GLY B 536 3.14 -12.75 30.66
C GLY B 536 3.75 -11.54 30.00
N PRO B 537 5.04 -11.63 29.68
CA PRO B 537 5.69 -10.54 28.93
C PRO B 537 5.08 -10.37 27.55
N LEU B 538 5.14 -9.15 27.05
CA LEU B 538 4.54 -8.86 25.75
C LEU B 538 5.28 -9.52 24.61
N HIS B 539 6.61 -9.69 24.74
CA HIS B 539 7.39 -10.17 23.62
C HIS B 539 7.13 -11.63 23.28
N LYS B 540 6.37 -12.34 24.11
CA LYS B 540 5.99 -13.72 23.81
C LYS B 540 4.58 -13.84 23.24
N CYS B 541 3.98 -12.73 22.80
CA CYS B 541 2.60 -12.77 22.32
C CYS B 541 2.51 -13.48 20.99
N ASP B 542 1.43 -14.25 20.82
CA ASP B 542 1.09 -14.90 19.57
C ASP B 542 -0.40 -14.74 19.35
N ILE B 543 -0.78 -14.26 18.15
CA ILE B 543 -2.18 -14.01 17.86
C ILE B 543 -2.83 -15.12 17.04
N SER B 544 -2.15 -16.24 16.86
CA SER B 544 -2.72 -17.36 16.11
C SER B 544 -3.91 -17.95 16.87
N ASN B 545 -4.86 -18.47 16.12
CA ASN B 545 -6.06 -19.11 16.67
C ASN B 545 -6.84 -18.16 17.58
N SER B 546 -7.09 -16.95 17.08
CA SER B 546 -7.91 -15.96 17.79
C SER B 546 -8.70 -15.17 16.76
N SER B 547 -10.00 -15.45 16.66
CA SER B 547 -10.82 -14.80 15.64
C SER B 547 -11.15 -13.37 16.03
N GLU B 548 -11.27 -13.10 17.33
CA GLU B 548 -11.66 -11.77 17.78
C GLU B 548 -10.67 -10.71 17.33
N ALA B 549 -9.37 -11.00 17.45
CA ALA B 549 -8.36 -10.05 17.03
C ALA B 549 -8.45 -9.78 15.53
N GLY B 550 -8.67 -10.83 14.74
CA GLY B 550 -8.81 -10.65 13.32
C GLY B 550 -9.98 -9.77 12.96
N GLN B 551 -11.13 -9.99 13.61
CA GLN B 551 -12.30 -9.16 13.31
C GLN B 551 -12.05 -7.71 13.70
N LYS B 552 -11.41 -7.49 14.85
CA LYS B 552 -11.14 -6.12 15.27
C LYS B 552 -10.21 -5.42 14.30
N LEU B 553 -9.18 -6.12 13.81
CA LEU B 553 -8.30 -5.52 12.82
C LEU B 553 -9.03 -5.25 11.51
N LEU B 554 -9.89 -6.17 11.10
CA LEU B 554 -10.61 -6.01 9.84
C LEU B 554 -11.54 -4.81 9.89
N GLU B 555 -12.11 -4.53 11.06
CA GLU B 555 -13.00 -3.38 11.18
C GLU B 555 -12.26 -2.08 10.85
N MET B 556 -11.02 -1.96 11.29
CA MET B 556 -10.24 -0.78 10.96
C MET B 556 -9.77 -0.82 9.51
N LEU B 557 -9.40 -2.01 9.02
CA LEU B 557 -8.87 -2.10 7.67
C LEU B 557 -9.90 -1.72 6.63
N LYS B 558 -11.17 -2.05 6.87
CA LYS B 558 -12.20 -1.83 5.86
C LYS B 558 -12.39 -0.34 5.58
N LEU B 559 -12.14 0.51 6.57
CA LEU B 559 -12.50 1.92 6.45
C LEU B 559 -11.72 2.61 5.34
N GLY B 560 -10.43 2.34 5.24
CA GLY B 560 -9.63 3.01 4.24
C GLY B 560 -9.40 4.45 4.63
N LYS B 561 -9.51 5.35 3.66
CA LYS B 561 -9.28 6.77 3.87
C LYS B 561 -10.58 7.55 4.03
N SER B 562 -11.70 6.85 4.19
CA SER B 562 -13.00 7.52 4.24
C SER B 562 -13.12 8.43 5.46
N LYS B 563 -12.64 7.96 6.61
CA LYS B 563 -12.84 8.60 7.90
C LYS B 563 -11.50 9.02 8.47
N PRO B 564 -11.48 9.92 9.45
CA PRO B 564 -10.20 10.38 10.03
C PRO B 564 -9.38 9.22 10.57
N TRP B 565 -8.06 9.38 10.48
CA TRP B 565 -7.18 8.36 11.03
C TRP B 565 -7.22 8.33 12.55
N THR B 566 -7.62 9.44 13.17
CA THR B 566 -7.86 9.43 14.60
C THR B 566 -9.00 8.47 14.94
N TYR B 567 -10.05 8.48 14.13
CA TYR B 567 -11.14 7.54 14.32
C TYR B 567 -10.66 6.10 14.12
N ALA B 568 -9.78 5.89 13.15
CA ALA B 568 -9.25 4.56 12.90
C ALA B 568 -8.47 4.05 14.10
N LEU B 569 -7.64 4.89 14.70
CA LEU B 569 -6.91 4.47 15.88
C LEU B 569 -7.86 4.26 17.05
N GLU B 570 -8.89 5.09 17.17
CA GLU B 570 -9.85 4.95 18.25
C GLU B 570 -10.55 3.60 18.19
N ILE B 571 -10.85 3.14 16.97
CA ILE B 571 -11.58 1.89 16.81
C ILE B 571 -10.79 0.72 17.42
N VAL B 572 -9.48 0.69 17.18
CA VAL B 572 -8.71 -0.48 17.58
C VAL B 572 -8.16 -0.32 18.99
N VAL B 573 -7.48 0.78 19.28
CA VAL B 573 -6.73 0.90 20.53
C VAL B 573 -7.48 1.61 21.64
N GLY B 574 -8.42 2.50 21.33
CA GLY B 574 -9.14 3.22 22.35
C GLY B 574 -8.57 4.57 22.75
N ALA B 575 -7.60 5.10 21.99
CA ALA B 575 -7.04 6.41 22.26
C ALA B 575 -6.94 7.19 20.96
N LYS B 576 -6.94 8.52 21.08
CA LYS B 576 -6.99 9.39 19.91
C LYS B 576 -5.62 9.90 19.47
N ASN B 577 -4.56 9.62 20.21
CA ASN B 577 -3.24 10.15 19.87
C ASN B 577 -2.20 9.09 20.13
N MET B 578 -1.01 9.31 19.55
CA MET B 578 0.07 8.35 19.73
C MET B 578 0.53 8.35 21.18
N ASP B 579 0.81 7.14 21.69
CA ASP B 579 1.30 6.96 23.04
C ASP B 579 2.50 6.03 22.98
N VAL B 580 3.52 6.32 23.79
CA VAL B 580 4.78 5.59 23.72
C VAL B 580 4.92 4.56 24.83
N ARG B 581 3.96 4.48 25.75
CA ARG B 581 4.07 3.54 26.85
C ARG B 581 4.18 2.08 26.40
N PRO B 582 3.41 1.59 25.42
CA PRO B 582 3.58 0.19 25.00
C PRO B 582 4.99 -0.14 24.54
N LEU B 583 5.67 0.79 23.86
CA LEU B 583 7.03 0.53 23.43
C LEU B 583 7.94 0.30 24.63
N LEU B 584 7.79 1.11 25.68
CA LEU B 584 8.57 0.89 26.88
C LEU B 584 8.20 -0.43 27.55
N ASN B 585 6.92 -0.78 27.54
CA ASN B 585 6.51 -2.04 28.15
C ASN B 585 7.11 -3.24 27.42
N TYR B 586 7.32 -3.10 26.11
CA TYR B 586 7.85 -4.21 25.33
C TYR B 586 9.25 -4.59 25.76
N PHE B 587 10.08 -3.60 26.12
CA PHE B 587 11.48 -3.82 26.42
C PHE B 587 11.81 -3.68 27.91
N GLU B 588 10.86 -3.98 28.79
CA GLU B 588 11.13 -3.83 30.22
C GLU B 588 12.24 -4.73 30.74
N PRO B 589 12.27 -6.03 30.43
CA PRO B 589 13.38 -6.85 30.94
C PRO B 589 14.74 -6.37 30.48
N LEU B 590 14.81 -5.81 29.29
CA LEU B 590 16.08 -5.30 28.82
C LEU B 590 16.32 -4.13 29.72
N PHE B 591 15.33 -3.32 30.06
CA PHE B 591 15.66 -2.16 30.88
C PHE B 591 16.26 -2.60 32.21
N THR B 592 15.61 -3.53 32.91
CA THR B 592 16.24 -4.01 34.12
C THR B 592 17.63 -4.58 34.02
N TRP B 593 17.90 -5.32 32.97
CA TRP B 593 19.21 -5.93 32.82
C TRP B 593 20.26 -4.88 32.54
N LEU B 594 19.94 -3.92 31.69
CA LEU B 594 20.90 -2.86 31.42
C LEU B 594 21.16 -2.02 32.66
N LYS B 595 20.12 -1.78 33.47
CA LYS B 595 20.33 -1.06 34.72
C LYS B 595 21.25 -1.83 35.64
N GLU B 596 21.07 -3.15 35.73
CA GLU B 596 21.96 -3.96 36.54
C GLU B 596 23.39 -3.94 36.01
N GLN B 597 23.55 -3.96 34.69
CA GLN B 597 24.87 -4.13 34.10
C GLN B 597 25.69 -2.84 34.15
N ASN B 598 25.02 -1.70 34.06
CA ASN B 598 25.70 -0.41 33.99
C ASN B 598 25.96 0.14 35.38
N ARG B 599 26.11 -0.73 36.39
CA ARG B 599 26.30 -0.26 37.75
C ARG B 599 27.52 0.65 37.87
N ASN B 600 28.66 0.19 37.36
CA ASN B 600 29.89 0.96 37.51
C ASN B 600 30.18 1.94 36.37
N SER B 601 29.62 1.70 35.19
CA SER B 601 29.90 2.53 34.04
C SER B 601 29.21 3.89 34.16
N PHE B 602 29.63 4.82 33.32
CA PHE B 602 29.03 6.14 33.28
C PHE B 602 27.83 6.16 32.33
N VAL B 603 26.83 6.97 32.67
CA VAL B 603 25.64 7.14 31.86
C VAL B 603 25.57 8.60 31.42
N GLY B 604 25.43 8.81 30.12
CA GLY B 604 25.45 10.14 29.54
C GLY B 604 26.70 10.38 28.71
N TRP B 605 26.69 11.51 28.02
CA TRP B 605 27.83 11.90 27.20
C TRP B 605 28.09 13.38 27.38
N ASN B 606 29.33 13.77 27.14
CA ASN B 606 29.76 15.16 27.23
C ASN B 606 30.24 15.60 25.85
N THR B 607 30.02 16.87 25.51
CA THR B 607 30.16 17.30 24.12
C THR B 607 31.56 17.79 23.78
N ASP B 608 32.42 18.07 24.77
CA ASP B 608 33.68 18.75 24.47
C ASP B 608 34.63 17.86 23.70
N TRP B 609 34.74 16.60 24.09
CA TRP B 609 35.77 15.72 23.54
C TRP B 609 35.57 15.50 22.05
N SER B 610 36.67 15.52 21.31
CA SER B 610 36.64 15.28 19.88
C SER B 610 37.80 14.37 19.48
N PRO B 611 37.60 13.48 18.51
CA PRO B 611 38.71 12.63 18.06
C PRO B 611 39.89 13.42 17.50
N TYR B 612 39.64 14.51 16.80
CA TYR B 612 40.75 15.28 16.24
C TYR B 612 41.42 16.12 17.31
N ALA B 613 40.71 16.40 18.41
CA ALA B 613 41.22 17.19 19.52
C ALA B 613 41.72 18.56 19.06
ZN ZN C . 6.31 -3.27 3.25
#